data_5FUM
#
_entry.id   5FUM
#
_cell.length_a   78.660
_cell.length_b   110.757
_cell.length_c   227.571
_cell.angle_alpha   90.00
_cell.angle_beta   90.00
_cell.angle_gamma   90.00
#
_symmetry.space_group_name_H-M   'P 21 21 21'
#
loop_
_entity.id
_entity.type
_entity.pdbx_description
1 polymer ACETYLCHOLINESTERASE
2 non-polymer 2-(biphenyl-4-yloxy)-1-[4-(4-ethylpiperazin-1-yl)piperidin-1-yl]ethanone
3 non-polymer 2-(2-METHOXYETHOXY)ETHANOL
4 non-polymer 2-{2-[2-(2-{2-[2-(2-ETHOXY-ETHOXY)-ETHOXY]-ETHOXY}-ETHOXY)-ETHOXY]-ETHOXY}-ETHANOL
5 water water
#
_entity_poly.entity_id   1
_entity_poly.type   'polypeptide(L)'
_entity_poly.pdbx_seq_one_letter_code
;EGREDPQLLVRVRGGQLRGIRLKAPGGPVSAFLGIPFAEPPVGSRRFMPPEPKRPWSGVLDATTFQNVCYQYVDTLYPGF
EGTEMWNPNRELSEDCLYLNVWTPYPRPASPTPVLIWIYGGGFYSGAASLDVYDGRFLAQVEGAVLVSMNYRVGTFGFLA
LPGSREAPGNVGLLDQRLALQWVQENIAAFGGDPMSVTLFGESAGAASVGMHILSLPSRSLFHRAVLQSGTPNGPWATVS
AGEARRRATLLARLVGCPPGGAGGNDTELIACLRTRPAQDLVDHEWHVLPQESIFRFSFVPVVDGDFLSDTPEALINTGD
FQDLQVLVGVVKDEGSYFLVYGVPGFSKDNESLISRAQFLAGVRIGVPQASDLAAEAVVLHYTDWLHPEDPTHLRDAMSA
VVGDHNVVCPVAQLAGRLAAQGARVYAYIFEHRASTLTWPLWMGVPHGYEIEFIFGLPLDPSLNYTTEERIFAQRLMKYW
TNFARTGDPNDPRDSKSPQWPPYTTAAQQYVSLNLKPLEVRRGLRAQTCAFWNRFLPKLLSATATEAP
;
_entity_poly.pdbx_strand_id   A,B
#
loop_
_chem_comp.id
_chem_comp.type
_chem_comp.name
_chem_comp.formula
PE4 non-polymer 2-{2-[2-(2-{2-[2-(2-ETHOXY-ETHOXY)-ETHOXY]-ETHOXY}-ETHOXY)-ETHOXY]-ETHOXY}-ETHANOL 'C16 H34 O8'
PG0 non-polymer 2-(2-METHOXYETHOXY)ETHANOL 'C5 H12 O3'
SOF non-polymer 2-(biphenyl-4-yloxy)-1-[4-(4-ethylpiperazin-1-yl)piperidin-1-yl]ethanone 'C25 H33 N3 O2'
#
# COMPACT_ATOMS: atom_id res chain seq x y z
N GLU A 1 -41.14 -52.87 20.97
CA GLU A 1 -41.08 -51.64 21.82
C GLU A 1 -41.80 -51.88 23.15
N GLY A 2 -42.29 -50.80 23.75
CA GLY A 2 -43.06 -50.87 24.97
C GLY A 2 -42.54 -49.94 26.05
N ARG A 3 -41.24 -50.01 26.30
CA ARG A 3 -40.63 -49.34 27.45
C ARG A 3 -39.70 -48.19 27.05
N GLU A 4 -39.58 -47.94 25.74
CA GLU A 4 -38.71 -46.86 25.25
C GLU A 4 -39.32 -45.49 25.50
N ASP A 5 -38.49 -44.46 25.43
CA ASP A 5 -38.97 -43.09 25.49
C ASP A 5 -39.67 -42.76 24.17
N PRO A 6 -40.98 -42.49 24.21
CA PRO A 6 -41.72 -42.24 22.96
C PRO A 6 -41.22 -41.05 22.14
N GLN A 7 -40.40 -40.18 22.74
CA GLN A 7 -39.85 -39.04 22.02
C GLN A 7 -38.60 -39.41 21.22
N LEU A 8 -38.03 -40.58 21.51
CA LEU A 8 -36.76 -40.99 20.92
C LEU A 8 -36.93 -42.01 19.80
N LEU A 9 -38.16 -42.19 19.33
CA LEU A 9 -38.45 -43.14 18.27
C LEU A 9 -39.06 -42.40 17.08
N VAL A 10 -38.40 -42.54 15.94
CA VAL A 10 -38.68 -41.77 14.74
C VAL A 10 -38.42 -42.61 13.50
N ARG A 11 -39.26 -42.45 12.49
CA ARG A 11 -39.09 -43.16 11.22
C ARG A 11 -38.61 -42.21 10.13
N VAL A 12 -37.71 -42.70 9.28
CA VAL A 12 -37.24 -41.97 8.12
C VAL A 12 -37.34 -42.86 6.89
N ARG A 13 -37.06 -42.29 5.73
CA ARG A 13 -37.29 -42.96 4.45
C ARG A 13 -36.64 -44.34 4.35
N GLY A 14 -35.63 -44.59 5.18
CA GLY A 14 -34.88 -45.84 5.10
C GLY A 14 -35.15 -46.80 6.24
N GLY A 15 -35.95 -46.38 7.21
CA GLY A 15 -36.28 -47.24 8.33
C GLY A 15 -36.50 -46.48 9.63
N GLN A 16 -36.54 -47.23 10.73
CA GLN A 16 -36.78 -46.67 12.05
C GLN A 16 -35.49 -46.36 12.80
N LEU A 17 -35.52 -45.31 13.61
CA LEU A 17 -34.36 -44.90 14.40
C LEU A 17 -34.71 -44.80 15.88
N ARG A 18 -33.75 -45.19 16.72
CA ARG A 18 -33.82 -44.90 18.14
C ARG A 18 -32.79 -43.84 18.50
N GLY A 19 -33.26 -42.63 18.76
CA GLY A 19 -32.40 -41.55 19.22
C GLY A 19 -32.07 -41.68 20.68
N ILE A 20 -31.44 -40.66 21.24
CA ILE A 20 -31.05 -40.65 22.64
C ILE A 20 -31.39 -39.31 23.28
N ARG A 21 -31.81 -39.35 24.54
CA ARG A 21 -32.09 -38.14 25.29
C ARG A 21 -30.79 -37.62 25.91
N LEU A 22 -30.38 -36.43 25.51
CA LEU A 22 -29.12 -35.84 26.00
C LEU A 22 -29.38 -34.70 26.94
N LYS A 23 -28.50 -34.57 27.94
CA LYS A 23 -28.57 -33.45 28.88
C LYS A 23 -27.81 -32.25 28.35
N ALA A 24 -28.48 -31.10 28.36
CA ALA A 24 -27.83 -29.82 28.12
C ALA A 24 -28.02 -28.97 29.37
N PRO A 25 -27.24 -27.89 29.51
CA PRO A 25 -27.32 -27.09 30.75
C PRO A 25 -28.73 -26.61 31.09
N GLY A 26 -29.52 -26.30 30.08
CA GLY A 26 -30.84 -25.72 30.29
C GLY A 26 -31.99 -26.70 30.16
N GLY A 27 -31.69 -27.98 29.91
CA GLY A 27 -32.72 -28.99 29.73
C GLY A 27 -32.30 -30.08 28.78
N PRO A 28 -33.20 -31.03 28.50
CA PRO A 28 -32.91 -32.16 27.63
C PRO A 28 -33.04 -31.83 26.14
N VAL A 29 -32.35 -32.61 25.31
CA VAL A 29 -32.52 -32.56 23.86
C VAL A 29 -32.54 -33.97 23.30
N SER A 30 -33.06 -34.11 22.10
CA SER A 30 -33.09 -35.39 21.40
C SER A 30 -31.98 -35.45 20.36
N ALA A 31 -31.15 -36.49 20.44
CA ALA A 31 -30.07 -36.69 19.49
C ALA A 31 -30.25 -37.97 18.71
N PHE A 32 -30.18 -37.87 17.39
CA PHE A 32 -30.20 -39.02 16.50
C PHE A 32 -28.88 -39.07 15.75
N LEU A 33 -27.94 -39.84 16.29
CA LEU A 33 -26.56 -39.82 15.84
C LEU A 33 -26.20 -41.07 15.04
N GLY A 34 -25.41 -40.89 13.99
CA GLY A 34 -24.92 -42.00 13.20
C GLY A 34 -25.94 -42.54 12.20
N ILE A 35 -26.81 -41.67 11.72
CA ILE A 35 -27.80 -42.06 10.71
C ILE A 35 -27.11 -42.26 9.36
N PRO A 36 -27.21 -43.47 8.77
CA PRO A 36 -26.60 -43.67 7.46
C PRO A 36 -27.42 -43.00 6.36
N PHE A 37 -26.76 -42.21 5.51
CA PHE A 37 -27.45 -41.52 4.41
C PHE A 37 -26.89 -41.94 3.07
N ALA A 38 -25.96 -42.89 3.08
CA ALA A 38 -25.35 -43.38 1.84
C ALA A 38 -24.91 -44.83 2.01
N GLU A 39 -24.81 -45.55 0.89
CA GLU A 39 -24.16 -46.85 0.91
C GLU A 39 -22.69 -46.63 1.23
N PRO A 40 -22.09 -47.54 2.00
CA PRO A 40 -20.67 -47.36 2.32
C PRO A 40 -19.80 -47.20 1.08
N PRO A 41 -19.13 -46.04 0.94
CA PRO A 41 -18.33 -45.80 -0.26
C PRO A 41 -17.03 -46.60 -0.25
N VAL A 42 -17.15 -47.92 -0.19
CA VAL A 42 -16.01 -48.81 -0.02
C VAL A 42 -15.85 -49.75 -1.21
N GLY A 43 -14.74 -50.49 -1.22
CA GLY A 43 -14.45 -51.43 -2.28
C GLY A 43 -14.43 -50.77 -3.65
N SER A 44 -15.29 -51.25 -4.54
CA SER A 44 -15.37 -50.74 -5.90
C SER A 44 -16.02 -49.35 -5.95
N ARG A 45 -16.51 -48.88 -4.80
CA ARG A 45 -17.15 -47.58 -4.72
C ARG A 45 -16.22 -46.49 -4.20
N ARG A 46 -14.97 -46.84 -3.95
CA ARG A 46 -13.96 -45.85 -3.61
C ARG A 46 -13.80 -44.88 -4.78
N PHE A 47 -13.71 -43.59 -4.47
CA PHE A 47 -13.62 -42.50 -5.46
C PHE A 47 -14.92 -42.28 -6.24
N MET A 48 -15.94 -43.10 -5.99
CA MET A 48 -17.19 -43.00 -6.73
C MET A 48 -18.19 -42.10 -6.03
N PRO A 49 -19.13 -41.51 -6.78
CA PRO A 49 -20.20 -40.73 -6.14
C PRO A 49 -21.02 -41.58 -5.17
N PRO A 50 -21.63 -40.95 -4.16
CA PRO A 50 -22.37 -41.71 -3.16
C PRO A 50 -23.69 -42.23 -3.69
N GLU A 51 -23.99 -43.51 -3.42
CA GLU A 51 -25.32 -44.05 -3.68
C GLU A 51 -26.15 -43.92 -2.41
N PRO A 52 -27.43 -43.52 -2.56
CA PRO A 52 -28.28 -43.39 -1.36
C PRO A 52 -28.39 -44.69 -0.57
N LYS A 53 -28.49 -44.57 0.75
CA LYS A 53 -28.56 -45.74 1.62
C LYS A 53 -29.80 -46.56 1.34
N ARG A 54 -29.61 -47.85 1.09
CA ARG A 54 -30.73 -48.76 0.87
C ARG A 54 -31.46 -48.97 2.20
N PRO A 55 -32.80 -48.94 2.19
CA PRO A 55 -33.59 -49.10 3.42
C PRO A 55 -33.18 -50.30 4.26
N TRP A 56 -33.22 -50.14 5.57
CA TRP A 56 -32.86 -51.21 6.49
C TRP A 56 -34.09 -51.80 7.18
N SER A 57 -33.91 -52.96 7.79
CA SER A 57 -34.97 -53.61 8.55
C SER A 57 -34.73 -53.39 10.03
N GLY A 58 -35.81 -53.24 10.79
CA GLY A 58 -35.72 -53.09 12.22
C GLY A 58 -35.41 -51.66 12.64
N VAL A 59 -35.07 -51.50 13.92
CA VAL A 59 -34.82 -50.19 14.51
C VAL A 59 -33.32 -49.96 14.60
N LEU A 60 -32.81 -49.09 13.72
CA LEU A 60 -31.40 -48.72 13.74
C LEU A 60 -31.10 -47.91 14.98
N ASP A 61 -30.11 -48.37 15.75
CA ASP A 61 -29.65 -47.63 16.91
C ASP A 61 -28.91 -46.37 16.48
N ALA A 62 -29.40 -45.22 16.94
CA ALA A 62 -28.84 -43.93 16.56
C ALA A 62 -28.50 -43.10 17.79
N THR A 63 -27.73 -43.69 18.71
CA THR A 63 -27.44 -43.08 20.00
C THR A 63 -25.98 -42.67 20.16
N THR A 64 -25.13 -43.07 19.22
CA THR A 64 -23.71 -42.74 19.29
C THR A 64 -23.14 -42.35 17.93
N PHE A 65 -22.13 -41.48 17.95
CA PHE A 65 -21.48 -41.03 16.74
C PHE A 65 -20.85 -42.20 15.98
N GLN A 66 -20.97 -42.18 14.66
CA GLN A 66 -20.39 -43.22 13.80
C GLN A 66 -18.95 -42.90 13.41
N ASN A 67 -18.38 -43.77 12.59
CA ASN A 67 -16.99 -43.64 12.17
C ASN A 67 -16.65 -42.31 11.53
N VAL A 68 -15.41 -41.86 11.75
CA VAL A 68 -14.89 -40.68 11.10
C VAL A 68 -14.25 -41.10 9.77
N CYS A 69 -14.49 -40.31 8.73
CA CYS A 69 -13.97 -40.65 7.41
C CYS A 69 -12.44 -40.72 7.44
N TYR A 70 -11.90 -41.71 6.73
CA TYR A 70 -10.48 -41.97 6.77
C TYR A 70 -9.68 -40.73 6.38
N GLN A 71 -8.67 -40.41 7.18
CA GLN A 71 -7.97 -39.14 7.04
C GLN A 71 -6.63 -39.12 7.78
N TYR A 72 -5.75 -38.25 7.31
CA TYR A 72 -4.52 -37.91 8.03
C TYR A 72 -4.85 -37.35 9.41
N VAL A 73 -3.99 -37.67 10.39
CA VAL A 73 -4.15 -37.14 11.74
C VAL A 73 -2.91 -36.34 12.14
N ASP A 74 -3.15 -35.18 12.75
N ASP A 74 -3.13 -35.16 12.72
CA ASP A 74 -2.09 -34.29 13.18
CA ASP A 74 -2.04 -34.28 13.09
C ASP A 74 -1.20 -34.93 14.22
C ASP A 74 -1.20 -34.88 14.22
N THR A 75 0.12 -34.82 14.05
CA THR A 75 1.07 -35.40 15.00
C THR A 75 2.11 -34.37 15.48
N LEU A 76 1.91 -33.11 15.11
CA LEU A 76 2.91 -32.08 15.37
C LEU A 76 3.09 -31.78 16.86
N TYR A 77 1.98 -31.80 17.61
CA TYR A 77 2.02 -31.53 19.05
C TYR A 77 1.21 -32.55 19.81
N PRO A 78 1.76 -33.76 19.99
CA PRO A 78 1.07 -34.86 20.68
C PRO A 78 0.64 -34.52 22.11
N GLY A 79 -0.64 -34.76 22.42
CA GLY A 79 -1.14 -34.58 23.77
C GLY A 79 -1.40 -33.14 24.14
N PHE A 80 -1.71 -32.32 23.13
CA PHE A 80 -1.91 -30.89 23.30
C PHE A 80 -3.32 -30.51 22.86
N GLU A 81 -4.08 -29.93 23.76
CA GLU A 81 -5.50 -29.63 23.52
C GLU A 81 -5.72 -28.88 22.22
N GLY A 82 -4.79 -27.98 21.89
CA GLY A 82 -4.93 -27.15 20.71
C GLY A 82 -5.01 -27.95 19.42
N THR A 83 -4.44 -29.15 19.43
CA THR A 83 -4.49 -30.03 18.27
C THR A 83 -5.50 -31.17 18.46
N GLU A 84 -5.55 -31.74 19.65
CA GLU A 84 -6.41 -32.89 19.92
C GLU A 84 -7.88 -32.58 19.68
N MET A 85 -8.28 -31.34 19.96
CA MET A 85 -9.69 -30.98 19.86
C MET A 85 -10.21 -31.06 18.42
N TRP A 86 -9.29 -31.12 17.46
CA TRP A 86 -9.66 -31.20 16.04
C TRP A 86 -9.45 -32.60 15.48
N ASN A 87 -8.74 -33.44 16.23
CA ASN A 87 -8.45 -34.80 15.78
C ASN A 87 -9.68 -35.71 15.87
N PRO A 88 -9.69 -36.78 15.08
CA PRO A 88 -10.84 -37.70 15.06
C PRO A 88 -11.13 -38.30 16.43
N ASN A 89 -12.38 -38.22 16.86
CA ASN A 89 -12.78 -38.72 18.18
C ASN A 89 -13.58 -40.02 18.07
N ARG A 90 -13.52 -40.64 16.89
CA ARG A 90 -14.08 -41.97 16.67
C ARG A 90 -13.15 -42.73 15.74
N GLU A 91 -13.48 -43.98 15.46
CA GLU A 91 -12.65 -44.82 14.61
C GLU A 91 -12.61 -44.33 13.18
N LEU A 92 -11.46 -44.47 12.54
CA LEU A 92 -11.33 -44.15 11.11
C LEU A 92 -11.80 -45.31 10.24
N SER A 93 -12.54 -44.99 9.19
CA SER A 93 -13.00 -45.99 8.24
C SER A 93 -13.54 -45.33 6.98
N GLU A 94 -13.52 -46.06 5.87
CA GLU A 94 -14.12 -45.56 4.63
C GLU A 94 -15.65 -45.63 4.71
N ASP A 95 -16.14 -46.49 5.60
CA ASP A 95 -17.57 -46.54 5.90
C ASP A 95 -17.86 -45.45 6.92
N CYS A 96 -18.22 -44.28 6.44
CA CYS A 96 -18.25 -43.09 7.28
C CYS A 96 -19.32 -42.08 6.90
N LEU A 97 -20.14 -42.42 5.92
CA LEU A 97 -21.15 -41.47 5.44
C LEU A 97 -22.41 -41.56 6.29
N TYR A 98 -22.35 -40.95 7.47
CA TYR A 98 -23.47 -40.85 8.39
C TYR A 98 -23.67 -39.39 8.76
N LEU A 99 -24.86 -39.05 9.24
CA LEU A 99 -25.15 -37.69 9.69
C LEU A 99 -25.82 -37.70 11.06
N ASN A 100 -25.86 -36.53 11.69
CA ASN A 100 -26.36 -36.39 13.04
C ASN A 100 -27.49 -35.36 13.10
N VAL A 101 -28.41 -35.54 14.05
CA VAL A 101 -29.56 -34.66 14.20
C VAL A 101 -29.83 -34.35 15.66
N TRP A 102 -29.86 -33.06 15.99
CA TRP A 102 -30.28 -32.60 17.31
C TRP A 102 -31.60 -31.87 17.17
N THR A 103 -32.50 -32.09 18.13
CA THR A 103 -33.78 -31.39 18.16
C THR A 103 -34.15 -31.11 19.60
N PRO A 104 -35.04 -30.12 19.81
CA PRO A 104 -35.55 -29.89 21.16
C PRO A 104 -36.28 -31.12 21.68
N TYR A 105 -36.22 -31.34 22.99
CA TYR A 105 -36.93 -32.43 23.65
C TYR A 105 -38.05 -31.85 24.53
N PRO A 106 -39.32 -32.17 24.22
CA PRO A 106 -39.81 -32.96 23.09
C PRO A 106 -39.73 -32.19 21.79
N ARG A 107 -39.79 -32.88 20.66
CA ARG A 107 -39.73 -32.23 19.36
C ARG A 107 -40.83 -31.17 19.25
N PRO A 108 -40.55 -30.06 18.55
CA PRO A 108 -41.43 -28.89 18.59
C PRO A 108 -42.79 -29.09 17.89
N ALA A 109 -43.76 -28.27 18.26
CA ALA A 109 -45.09 -28.32 17.69
C ALA A 109 -45.08 -27.93 16.22
N SER A 110 -44.81 -26.66 15.96
CA SER A 110 -44.73 -26.15 14.59
C SER A 110 -43.34 -26.44 14.01
N PRO A 111 -43.26 -26.59 12.67
CA PRO A 111 -41.96 -26.88 12.06
C PRO A 111 -40.93 -25.79 12.28
N THR A 112 -39.73 -26.17 12.72
CA THR A 112 -38.72 -25.20 13.14
C THR A 112 -37.56 -25.07 12.12
N PRO A 113 -36.93 -23.88 12.07
CA PRO A 113 -35.83 -23.68 11.11
C PRO A 113 -34.68 -24.67 11.31
N VAL A 114 -34.07 -25.10 10.21
CA VAL A 114 -33.02 -26.13 10.24
C VAL A 114 -31.64 -25.57 9.89
N LEU A 115 -30.67 -25.85 10.76
CA LEU A 115 -29.28 -25.49 10.53
C LEU A 115 -28.46 -26.72 10.16
N ILE A 116 -27.73 -26.65 9.05
CA ILE A 116 -26.89 -27.75 8.61
C ILE A 116 -25.41 -27.36 8.65
N TRP A 117 -24.64 -28.06 9.49
CA TRP A 117 -23.22 -27.78 9.66
C TRP A 117 -22.33 -28.60 8.73
N ILE A 118 -21.38 -27.93 8.09
CA ILE A 118 -20.39 -28.60 7.24
C ILE A 118 -18.99 -28.29 7.78
N TYR A 119 -18.38 -29.28 8.42
CA TYR A 119 -17.10 -29.05 9.07
C TYR A 119 -15.98 -28.75 8.08
N GLY A 120 -14.96 -28.05 8.55
CA GLY A 120 -13.78 -27.76 7.76
C GLY A 120 -12.67 -28.75 8.05
N GLY A 121 -11.46 -28.42 7.63
CA GLY A 121 -10.31 -29.29 7.81
C GLY A 121 -9.50 -29.44 6.53
N GLY A 122 -9.45 -28.35 5.76
CA GLY A 122 -8.66 -28.31 4.53
C GLY A 122 -9.00 -29.38 3.51
N PHE A 123 -10.24 -29.87 3.57
CA PHE A 123 -10.71 -30.95 2.70
C PHE A 123 -9.91 -32.25 2.86
N TYR A 124 -9.11 -32.35 3.91
CA TYR A 124 -8.28 -33.54 4.15
C TYR A 124 -8.53 -34.12 5.53
N SER A 125 -9.27 -33.40 6.36
CA SER A 125 -9.58 -33.84 7.72
C SER A 125 -10.95 -33.33 8.15
N GLY A 126 -11.39 -33.75 9.33
CA GLY A 126 -12.62 -33.25 9.91
C GLY A 126 -13.64 -34.34 10.24
N ALA A 127 -14.62 -33.98 11.05
CA ALA A 127 -15.66 -34.91 11.49
C ALA A 127 -16.81 -34.13 12.11
N ALA A 128 -18.03 -34.62 11.91
CA ALA A 128 -19.19 -33.96 12.46
C ALA A 128 -19.38 -34.30 13.95
N SER A 129 -18.55 -35.20 14.46
CA SER A 129 -18.71 -35.74 15.81
C SER A 129 -17.81 -35.06 16.84
N LEU A 130 -17.01 -34.08 16.41
CA LEU A 130 -16.12 -33.37 17.32
C LEU A 130 -16.93 -32.60 18.36
N ASP A 131 -16.38 -32.50 19.56
CA ASP A 131 -17.06 -31.85 20.67
C ASP A 131 -17.47 -30.42 20.37
N VAL A 132 -16.68 -29.76 19.52
CA VAL A 132 -16.88 -28.35 19.24
C VAL A 132 -18.03 -28.12 18.25
N TYR A 133 -18.50 -29.20 17.62
CA TYR A 133 -19.65 -29.13 16.71
C TYR A 133 -20.93 -29.67 17.37
N ASP A 134 -20.95 -29.71 18.70
CA ASP A 134 -22.10 -30.24 19.44
C ASP A 134 -23.33 -29.35 19.29
N GLY A 135 -24.38 -29.90 18.68
CA GLY A 135 -25.57 -29.13 18.38
C GLY A 135 -26.61 -29.12 19.49
N ARG A 136 -26.26 -29.63 20.67
CA ARG A 136 -27.24 -29.75 21.74
C ARG A 136 -27.59 -28.39 22.34
N PHE A 137 -26.64 -27.46 22.32
CA PHE A 137 -26.88 -26.14 22.89
C PHE A 137 -27.79 -25.30 22.00
N LEU A 138 -27.51 -25.31 20.70
CA LEU A 138 -28.33 -24.58 19.75
C LEU A 138 -29.77 -25.13 19.78
N ALA A 139 -29.90 -26.45 19.87
CA ALA A 139 -31.21 -27.08 19.87
C ALA A 139 -32.00 -26.72 21.13
N GLN A 140 -31.37 -26.87 22.28
CA GLN A 140 -32.04 -26.64 23.56
C GLN A 140 -32.40 -25.17 23.75
N VAL A 141 -31.43 -24.28 23.50
CA VAL A 141 -31.57 -22.88 23.84
C VAL A 141 -32.32 -22.07 22.77
N GLU A 142 -32.12 -22.41 21.51
CA GLU A 142 -32.72 -21.66 20.40
C GLU A 142 -33.85 -22.42 19.72
N GLY A 143 -34.09 -23.65 20.15
CA GLY A 143 -35.17 -24.45 19.61
C GLY A 143 -34.93 -24.86 18.17
N ALA A 144 -33.67 -24.84 17.77
CA ALA A 144 -33.29 -25.15 16.39
C ALA A 144 -33.11 -26.64 16.17
N VAL A 145 -33.24 -27.07 14.91
CA VAL A 145 -32.85 -28.41 14.51
C VAL A 145 -31.50 -28.29 13.83
N LEU A 146 -30.52 -29.01 14.37
CA LEU A 146 -29.14 -28.93 13.92
C LEU A 146 -28.73 -30.25 13.26
N VAL A 147 -28.32 -30.17 12.01
CA VAL A 147 -27.84 -31.34 11.27
C VAL A 147 -26.37 -31.19 10.92
N SER A 148 -25.61 -32.27 11.04
CA SER A 148 -24.23 -32.30 10.59
C SER A 148 -23.94 -33.63 9.94
N MET A 149 -23.21 -33.61 8.82
CA MET A 149 -22.90 -34.83 8.08
C MET A 149 -21.41 -35.05 7.97
N ASN A 150 -21.02 -36.31 7.91
CA ASN A 150 -19.68 -36.68 7.50
C ASN A 150 -19.60 -36.70 5.98
N TYR A 151 -18.50 -36.22 5.44
CA TYR A 151 -18.25 -36.32 4.01
C TYR A 151 -16.80 -36.73 3.77
N ARG A 152 -16.57 -37.47 2.70
CA ARG A 152 -15.24 -37.99 2.41
C ARG A 152 -14.23 -36.87 2.18
N VAL A 153 -13.03 -37.07 2.70
CA VAL A 153 -11.96 -36.09 2.59
C VAL A 153 -10.74 -36.74 1.96
N GLY A 154 -9.72 -35.93 1.68
CA GLY A 154 -8.49 -36.43 1.08
C GLY A 154 -8.73 -37.08 -0.25
N THR A 155 -7.98 -38.15 -0.51
CA THR A 155 -8.09 -38.86 -1.78
C THR A 155 -9.47 -39.47 -1.94
N PHE A 156 -10.02 -39.99 -0.85
CA PHE A 156 -11.30 -40.70 -0.88
C PHE A 156 -12.43 -39.77 -1.29
N GLY A 157 -12.26 -38.49 -0.97
CA GLY A 157 -13.29 -37.50 -1.23
C GLY A 157 -13.07 -36.64 -2.47
N PHE A 158 -11.83 -36.47 -2.91
CA PHE A 158 -11.53 -35.46 -3.93
C PHE A 158 -10.44 -35.81 -4.93
N LEU A 159 -9.86 -37.00 -4.84
CA LEU A 159 -8.96 -37.45 -5.90
C LEU A 159 -9.77 -37.55 -7.18
N ALA A 160 -9.27 -36.93 -8.23
CA ALA A 160 -10.00 -36.85 -9.48
C ALA A 160 -9.11 -37.11 -10.69
N LEU A 161 -9.64 -37.92 -11.60
CA LEU A 161 -9.13 -38.03 -12.95
C LEU A 161 -10.22 -37.50 -13.87
N PRO A 162 -10.30 -36.17 -13.99
CA PRO A 162 -11.44 -35.50 -14.64
C PRO A 162 -11.78 -36.08 -16.01
N GLY A 163 -13.07 -36.34 -16.24
CA GLY A 163 -13.53 -36.93 -17.48
C GLY A 163 -13.71 -38.43 -17.36
N SER A 164 -13.14 -39.02 -16.30
CA SER A 164 -13.23 -40.46 -16.11
C SER A 164 -14.55 -40.87 -15.51
N ARG A 165 -14.85 -42.16 -15.60
CA ARG A 165 -16.07 -42.71 -15.06
C ARG A 165 -15.89 -43.07 -13.58
N GLU A 166 -14.74 -43.64 -13.26
CA GLU A 166 -14.51 -44.24 -11.95
C GLU A 166 -13.93 -43.26 -10.93
N ALA A 167 -13.63 -42.04 -11.37
CA ALA A 167 -13.10 -41.02 -10.46
C ALA A 167 -13.40 -39.62 -10.99
N PRO A 168 -14.68 -39.22 -10.95
CA PRO A 168 -15.12 -37.95 -11.53
C PRO A 168 -14.73 -36.73 -10.70
N GLY A 169 -14.35 -36.95 -9.44
CA GLY A 169 -13.99 -35.87 -8.54
C GLY A 169 -15.19 -35.28 -7.83
N ASN A 170 -14.92 -34.44 -6.84
CA ASN A 170 -15.96 -33.75 -6.07
C ASN A 170 -16.96 -34.67 -5.38
N VAL A 171 -16.64 -35.95 -5.24
CA VAL A 171 -17.58 -36.88 -4.63
C VAL A 171 -17.78 -36.49 -3.16
N GLY A 172 -16.78 -35.85 -2.58
CA GLY A 172 -16.87 -35.36 -1.22
C GLY A 172 -17.98 -34.33 -1.10
N LEU A 173 -18.12 -33.50 -2.12
CA LEU A 173 -19.18 -32.51 -2.15
C LEU A 173 -20.53 -33.16 -2.43
N LEU A 174 -20.51 -34.28 -3.13
CA LEU A 174 -21.74 -35.00 -3.47
C LEU A 174 -22.29 -35.71 -2.23
N ASP A 175 -21.40 -36.12 -1.32
CA ASP A 175 -21.82 -36.66 -0.03
C ASP A 175 -22.63 -35.60 0.70
N GLN A 176 -22.08 -34.39 0.76
CA GLN A 176 -22.74 -33.27 1.40
C GLN A 176 -24.11 -33.02 0.79
N ARG A 177 -24.18 -33.02 -0.53
CA ARG A 177 -25.43 -32.79 -1.25
C ARG A 177 -26.46 -33.87 -0.96
N LEU A 178 -26.01 -35.12 -0.92
CA LEU A 178 -26.90 -36.24 -0.64
C LEU A 178 -27.49 -36.08 0.75
N ALA A 179 -26.67 -35.59 1.68
CA ALA A 179 -27.14 -35.34 3.03
C ALA A 179 -28.14 -34.18 3.03
N LEU A 180 -27.96 -33.22 2.12
CA LEU A 180 -28.91 -32.12 2.00
C LEU A 180 -30.23 -32.63 1.42
N GLN A 181 -30.13 -33.60 0.51
CA GLN A 181 -31.32 -34.21 -0.07
C GLN A 181 -32.05 -35.04 0.99
N TRP A 182 -31.27 -35.72 1.82
CA TRP A 182 -31.80 -36.50 2.92
C TRP A 182 -32.59 -35.61 3.87
N VAL A 183 -32.08 -34.41 4.11
CA VAL A 183 -32.75 -33.47 5.01
C VAL A 183 -34.07 -33.00 4.40
N GLN A 184 -34.05 -32.71 3.10
CA GLN A 184 -35.26 -32.27 2.41
C GLN A 184 -36.38 -33.29 2.54
N GLU A 185 -36.04 -34.58 2.48
CA GLU A 185 -37.05 -35.63 2.52
C GLU A 185 -37.46 -36.03 3.94
N ASN A 186 -36.50 -36.04 4.86
CA ASN A 186 -36.71 -36.69 6.16
C ASN A 186 -36.75 -35.80 7.39
N ILE A 187 -36.33 -34.54 7.29
CA ILE A 187 -36.16 -33.72 8.48
C ILE A 187 -37.50 -33.34 9.13
N ALA A 188 -38.57 -33.41 8.34
CA ALA A 188 -39.91 -33.14 8.87
C ALA A 188 -40.26 -34.14 9.97
N ALA A 189 -39.78 -35.37 9.82
CA ALA A 189 -40.00 -36.42 10.83
C ALA A 189 -39.44 -36.03 12.19
N PHE A 190 -38.55 -35.05 12.22
CA PHE A 190 -37.92 -34.58 13.45
C PHE A 190 -38.48 -33.22 13.88
N GLY A 191 -39.41 -32.70 13.10
CA GLY A 191 -40.04 -31.42 13.40
C GLY A 191 -39.36 -30.26 12.72
N GLY A 192 -38.41 -30.54 11.84
CA GLY A 192 -37.67 -29.51 11.14
C GLY A 192 -38.40 -29.03 9.89
N ASP A 193 -38.19 -27.77 9.54
CA ASP A 193 -38.82 -27.17 8.38
C ASP A 193 -37.89 -27.24 7.15
N PRO A 194 -38.22 -28.12 6.18
CA PRO A 194 -37.33 -28.24 5.02
C PRO A 194 -37.40 -27.04 4.08
N MET A 195 -38.31 -26.12 4.36
CA MET A 195 -38.45 -24.89 3.56
C MET A 195 -37.55 -23.78 4.10
N SER A 196 -36.96 -24.02 5.26
CA SER A 196 -36.08 -23.05 5.91
C SER A 196 -34.80 -23.72 6.39
N VAL A 197 -33.96 -24.09 5.43
CA VAL A 197 -32.68 -24.76 5.70
C VAL A 197 -31.54 -23.78 5.48
N THR A 198 -30.76 -23.56 6.53
CA THR A 198 -29.58 -22.70 6.45
C THR A 198 -28.30 -23.55 6.57
N LEU A 199 -27.44 -23.45 5.55
CA LEU A 199 -26.12 -24.07 5.60
C LEU A 199 -25.15 -23.16 6.35
N PHE A 200 -24.30 -23.74 7.19
CA PHE A 200 -23.19 -22.98 7.74
C PHE A 200 -21.99 -23.89 7.98
N GLY A 201 -20.82 -23.32 7.78
CA GLY A 201 -19.58 -24.08 7.85
C GLY A 201 -18.38 -23.17 8.01
N GLU A 202 -17.25 -23.78 8.34
CA GLU A 202 -16.02 -23.04 8.60
C GLU A 202 -14.84 -23.59 7.79
N SER A 203 -13.96 -22.71 7.34
CA SER A 203 -12.78 -23.09 6.55
C SER A 203 -13.19 -23.82 5.26
N ALA A 204 -12.71 -25.04 5.07
CA ALA A 204 -13.12 -25.84 3.92
C ALA A 204 -14.62 -26.11 3.94
N GLY A 205 -15.23 -25.95 5.11
CA GLY A 205 -16.67 -26.07 5.25
C GLY A 205 -17.38 -24.85 4.69
N ALA A 206 -16.84 -23.67 4.98
CA ALA A 206 -17.37 -22.44 4.42
C ALA A 206 -17.23 -22.46 2.90
N ALA A 207 -16.09 -22.94 2.42
CA ALA A 207 -15.87 -23.08 0.99
C ALA A 207 -16.92 -24.00 0.38
N SER A 208 -17.11 -25.15 1.02
CA SER A 208 -18.12 -26.11 0.60
C SER A 208 -19.49 -25.45 0.42
N VAL A 209 -19.91 -24.67 1.41
CA VAL A 209 -21.17 -23.96 1.35
C VAL A 209 -21.23 -23.08 0.11
N GLY A 210 -20.16 -22.32 -0.12
CA GLY A 210 -20.08 -21.45 -1.28
C GLY A 210 -20.21 -22.22 -2.58
N MET A 211 -19.73 -23.46 -2.58
CA MET A 211 -19.82 -24.30 -3.77
C MET A 211 -21.25 -24.74 -4.00
N HIS A 212 -22.01 -24.93 -2.92
CA HIS A 212 -23.41 -25.31 -3.05
C HIS A 212 -24.22 -24.12 -3.55
N ILE A 213 -23.79 -22.91 -3.20
CA ILE A 213 -24.41 -21.70 -3.73
C ILE A 213 -24.18 -21.61 -5.24
N LEU A 214 -23.00 -22.04 -5.67
CA LEU A 214 -22.58 -21.87 -7.07
C LEU A 214 -22.91 -23.08 -7.95
N SER A 215 -23.45 -24.13 -7.33
CA SER A 215 -23.85 -25.33 -8.07
C SER A 215 -25.37 -25.44 -8.05
N LEU A 216 -25.97 -25.41 -9.24
CA LEU A 216 -27.43 -25.29 -9.37
C LEU A 216 -28.21 -26.41 -8.67
N PRO A 217 -27.82 -27.68 -8.88
CA PRO A 217 -28.58 -28.77 -8.27
C PRO A 217 -28.65 -28.71 -6.74
N SER A 218 -27.77 -27.92 -6.13
CA SER A 218 -27.73 -27.80 -4.68
C SER A 218 -28.62 -26.66 -4.18
N ARG A 219 -28.92 -25.71 -5.05
CA ARG A 219 -29.60 -24.49 -4.63
C ARG A 219 -31.03 -24.73 -4.16
N SER A 220 -31.63 -25.83 -4.61
CA SER A 220 -32.99 -26.16 -4.22
C SER A 220 -33.03 -26.97 -2.93
N LEU A 221 -31.89 -27.08 -2.25
CA LEU A 221 -31.78 -27.88 -1.03
C LEU A 221 -31.53 -27.02 0.21
N PHE A 222 -31.36 -25.71 -0.01
CA PHE A 222 -31.22 -24.77 1.10
C PHE A 222 -31.78 -23.41 0.71
N HIS A 223 -31.91 -22.52 1.67
CA HIS A 223 -32.59 -21.23 1.49
CA HIS A 223 -32.56 -21.23 1.44
C HIS A 223 -31.69 -20.07 1.92
N ARG A 224 -30.77 -20.35 2.82
CA ARG A 224 -29.80 -19.34 3.30
C ARG A 224 -28.46 -20.01 3.59
N ALA A 225 -27.42 -19.20 3.73
CA ALA A 225 -26.07 -19.73 3.92
C ALA A 225 -25.21 -18.86 4.83
N VAL A 226 -24.29 -19.51 5.54
CA VAL A 226 -23.31 -18.80 6.36
C VAL A 226 -21.91 -19.33 6.05
N LEU A 227 -20.98 -18.42 5.78
CA LEU A 227 -19.60 -18.78 5.47
C LEU A 227 -18.65 -18.17 6.50
N GLN A 228 -18.05 -19.03 7.32
CA GLN A 228 -17.15 -18.58 8.37
C GLN A 228 -15.70 -18.87 8.01
N SER A 229 -14.92 -17.81 7.75
CA SER A 229 -13.49 -17.95 7.51
C SER A 229 -13.17 -18.89 6.36
N GLY A 230 -13.89 -18.77 5.25
CA GLY A 230 -13.63 -19.60 4.09
C GLY A 230 -14.50 -19.22 2.91
N THR A 231 -14.03 -19.54 1.72
CA THR A 231 -14.72 -19.18 0.48
C THR A 231 -14.43 -20.19 -0.63
N PRO A 232 -15.32 -20.28 -1.63
CA PRO A 232 -15.03 -21.16 -2.77
C PRO A 232 -14.04 -20.51 -3.73
N ASN A 233 -14.05 -19.17 -3.80
CA ASN A 233 -13.00 -18.42 -4.48
C ASN A 233 -11.76 -18.41 -3.60
N GLY A 234 -10.62 -18.04 -4.18
CA GLY A 234 -9.36 -18.04 -3.46
C GLY A 234 -8.41 -19.09 -3.97
N PRO A 235 -7.20 -19.14 -3.39
CA PRO A 235 -6.10 -19.93 -3.95
C PRO A 235 -6.08 -21.41 -3.54
N TRP A 236 -6.81 -21.78 -2.49
CA TRP A 236 -6.69 -23.14 -1.93
C TRP A 236 -7.95 -24.00 -2.11
N ALA A 237 -9.10 -23.37 -2.34
CA ALA A 237 -10.37 -24.10 -2.29
C ALA A 237 -10.62 -24.98 -3.50
N THR A 238 -9.96 -24.68 -4.63
CA THR A 238 -10.17 -25.44 -5.85
C THR A 238 -8.88 -25.70 -6.62
N VAL A 239 -8.95 -26.63 -7.56
CA VAL A 239 -7.86 -26.87 -8.50
C VAL A 239 -8.43 -27.07 -9.90
N SER A 240 -7.58 -26.87 -10.90
CA SER A 240 -7.94 -27.15 -12.28
C SER A 240 -8.02 -28.65 -12.51
N ALA A 241 -8.68 -29.05 -13.59
CA ALA A 241 -8.74 -30.46 -13.95
C ALA A 241 -7.34 -30.97 -14.26
N GLY A 242 -6.56 -30.17 -14.98
CA GLY A 242 -5.20 -30.54 -15.33
C GLY A 242 -4.37 -30.80 -14.10
N GLU A 243 -4.47 -29.90 -13.13
CA GLU A 243 -3.71 -30.03 -11.89
C GLU A 243 -4.19 -31.24 -11.10
N ALA A 244 -5.50 -31.43 -11.00
CA ALA A 244 -6.05 -32.57 -10.29
C ALA A 244 -5.62 -33.86 -10.95
N ARG A 245 -5.62 -33.87 -12.28
CA ARG A 245 -5.18 -35.04 -13.03
C ARG A 245 -3.73 -35.38 -12.74
N ARG A 246 -2.90 -34.35 -12.60
CA ARG A 246 -1.49 -34.55 -12.34
C ARG A 246 -1.26 -35.10 -10.93
N ARG A 247 -1.89 -34.45 -9.95
CA ARG A 247 -1.76 -34.85 -8.56
C ARG A 247 -2.24 -36.30 -8.37
N ALA A 248 -3.30 -36.68 -9.06
CA ALA A 248 -3.84 -38.03 -8.97
C ALA A 248 -2.88 -39.05 -9.58
N THR A 249 -2.34 -38.74 -10.76
CA THR A 249 -1.42 -39.63 -11.44
C THR A 249 -0.11 -39.80 -10.67
N LEU A 250 0.34 -38.72 -10.04
CA LEU A 250 1.55 -38.77 -9.24
C LEU A 250 1.36 -39.67 -8.01
N LEU A 251 0.25 -39.47 -7.30
CA LEU A 251 -0.06 -40.29 -6.13
C LEU A 251 -0.10 -41.77 -6.50
N ALA A 252 -0.69 -42.07 -7.66
CA ALA A 252 -0.72 -43.43 -8.17
C ALA A 252 0.70 -44.00 -8.26
N ARG A 253 1.58 -43.27 -8.93
CA ARG A 253 2.96 -43.70 -9.06
C ARG A 253 3.62 -43.91 -7.70
N LEU A 254 3.34 -43.02 -6.76
CA LEU A 254 3.97 -43.06 -5.45
C LEU A 254 3.57 -44.29 -4.62
N VAL A 255 2.47 -44.94 -4.99
CA VAL A 255 2.02 -46.15 -4.30
C VAL A 255 2.09 -47.38 -5.20
N GLY A 256 2.58 -47.20 -6.43
CA GLY A 256 2.87 -48.32 -7.31
C GLY A 256 1.93 -48.48 -8.49
N CYS A 257 1.12 -47.46 -8.75
CA CYS A 257 0.15 -47.50 -9.84
C CYS A 257 0.52 -46.53 -10.95
N ASN A 265 -4.28 -45.50 -19.31
CA ASN A 265 -5.73 -45.60 -19.21
C ASN A 265 -6.22 -45.38 -17.77
N ASP A 266 -7.17 -44.47 -17.60
CA ASP A 266 -7.68 -44.10 -16.29
C ASP A 266 -8.28 -45.27 -15.53
N THR A 267 -8.99 -46.14 -16.24
CA THR A 267 -9.66 -47.28 -15.61
C THR A 267 -8.67 -48.18 -14.88
N GLU A 268 -7.62 -48.59 -15.57
CA GLU A 268 -6.60 -49.48 -15.02
C GLU A 268 -5.89 -48.84 -13.83
N LEU A 269 -5.69 -47.53 -13.90
CA LEU A 269 -5.00 -46.80 -12.85
C LEU A 269 -5.84 -46.70 -11.58
N ILE A 270 -7.10 -46.29 -11.74
CA ILE A 270 -8.02 -46.17 -10.61
C ILE A 270 -8.25 -47.54 -9.97
N ALA A 271 -8.37 -48.56 -10.80
CA ALA A 271 -8.58 -49.92 -10.32
C ALA A 271 -7.47 -50.33 -9.37
N CYS A 272 -6.23 -49.99 -9.72
CA CYS A 272 -5.08 -50.33 -8.89
C CYS A 272 -5.10 -49.52 -7.59
N LEU A 273 -5.54 -48.27 -7.66
CA LEU A 273 -5.65 -47.45 -6.46
C LEU A 273 -6.67 -48.05 -5.50
N ARG A 274 -7.73 -48.64 -6.04
CA ARG A 274 -8.77 -49.22 -5.21
C ARG A 274 -8.28 -50.48 -4.49
N THR A 275 -7.16 -51.05 -4.94
CA THR A 275 -6.59 -52.21 -4.28
C THR A 275 -5.70 -51.81 -3.11
N ARG A 276 -5.47 -50.52 -2.94
CA ARG A 276 -4.55 -50.04 -1.91
C ARG A 276 -5.25 -49.89 -0.56
N PRO A 277 -4.56 -50.25 0.54
CA PRO A 277 -5.11 -49.97 1.86
C PRO A 277 -5.32 -48.48 2.06
N ALA A 278 -6.38 -48.11 2.77
CA ALA A 278 -6.72 -46.71 2.96
C ALA A 278 -5.56 -45.93 3.56
N GLN A 279 -4.82 -46.56 4.46
CA GLN A 279 -3.72 -45.89 5.14
C GLN A 279 -2.57 -45.60 4.18
N ASP A 280 -2.43 -46.46 3.17
CA ASP A 280 -1.41 -46.28 2.15
C ASP A 280 -1.59 -44.94 1.46
N LEU A 281 -2.83 -44.61 1.13
CA LEU A 281 -3.14 -43.37 0.42
C LEU A 281 -2.90 -42.15 1.30
N VAL A 282 -3.32 -42.25 2.57
CA VAL A 282 -3.14 -41.15 3.51
C VAL A 282 -1.66 -40.89 3.74
N ASP A 283 -0.86 -41.96 3.72
CA ASP A 283 0.58 -41.86 4.00
C ASP A 283 1.33 -41.10 2.90
N HIS A 284 0.67 -40.90 1.76
CA HIS A 284 1.35 -40.33 0.59
C HIS A 284 0.69 -39.08 0.02
N GLU A 285 -0.52 -38.75 0.48
CA GLU A 285 -1.29 -37.69 -0.15
C GLU A 285 -0.63 -36.31 -0.05
N TRP A 286 0.19 -36.11 1.00
CA TRP A 286 0.83 -34.83 1.21
C TRP A 286 2.05 -34.63 0.31
N HIS A 287 2.54 -35.71 -0.28
CA HIS A 287 3.79 -35.69 -1.05
C HIS A 287 3.61 -35.26 -2.50
N VAL A 288 2.42 -34.78 -2.86
CA VAL A 288 2.13 -34.43 -4.25
C VAL A 288 1.91 -32.95 -4.45
N LEU A 289 2.12 -32.13 -3.41
CA LEU A 289 1.93 -30.70 -3.55
C LEU A 289 3.03 -30.12 -4.43
N PRO A 290 2.65 -29.27 -5.41
CA PRO A 290 3.64 -28.71 -6.35
C PRO A 290 4.75 -27.91 -5.68
N GLN A 291 4.54 -27.46 -4.44
CA GLN A 291 5.55 -26.69 -3.72
C GLN A 291 5.60 -27.01 -2.23
N GLU A 292 6.64 -26.48 -1.59
CA GLU A 292 6.69 -26.38 -0.14
C GLU A 292 5.75 -25.24 0.25
N SER A 293 4.65 -25.57 0.93
CA SER A 293 3.59 -24.60 1.14
C SER A 293 2.81 -24.82 2.43
N ILE A 294 2.17 -23.75 2.89
CA ILE A 294 1.19 -23.83 3.96
C ILE A 294 -0.17 -23.37 3.43
N PHE A 295 -1.23 -23.83 4.07
CA PHE A 295 -2.59 -23.50 3.65
C PHE A 295 -2.79 -23.99 2.21
N ARG A 296 -2.20 -25.14 1.90
CA ARG A 296 -2.36 -25.80 0.62
C ARG A 296 -2.62 -27.27 0.87
N PHE A 297 -3.57 -27.82 0.12
CA PHE A 297 -4.01 -29.18 0.32
C PHE A 297 -4.04 -29.90 -1.02
N SER A 298 -3.61 -31.16 -1.01
CA SER A 298 -3.38 -31.91 -2.24
C SER A 298 -4.67 -32.21 -3.00
N PHE A 299 -5.71 -32.62 -2.28
CA PHE A 299 -6.94 -33.09 -2.91
C PHE A 299 -8.16 -32.31 -2.42
N VAL A 300 -8.67 -31.48 -3.32
CA VAL A 300 -9.70 -30.51 -3.04
C VAL A 300 -10.67 -30.50 -4.22
N PRO A 301 -11.81 -29.79 -4.09
CA PRO A 301 -12.74 -29.73 -5.23
C PRO A 301 -12.07 -29.32 -6.54
N VAL A 302 -12.42 -30.00 -7.62
CA VAL A 302 -11.89 -29.71 -8.94
C VAL A 302 -12.92 -28.99 -9.80
N VAL A 303 -12.46 -28.07 -10.65
CA VAL A 303 -13.32 -27.46 -11.66
C VAL A 303 -13.53 -28.44 -12.79
N ASP A 304 -14.58 -29.24 -12.67
CA ASP A 304 -14.82 -30.35 -13.59
C ASP A 304 -15.76 -29.96 -14.73
N GLY A 305 -16.33 -28.77 -14.66
CA GLY A 305 -17.33 -28.34 -15.63
C GLY A 305 -18.59 -29.17 -15.48
N ASP A 306 -18.93 -29.50 -14.23
CA ASP A 306 -20.12 -30.29 -13.93
C ASP A 306 -20.72 -29.80 -12.60
N PHE A 307 -20.15 -30.25 -11.49
CA PHE A 307 -20.53 -29.71 -10.19
C PHE A 307 -20.21 -28.23 -10.19
N LEU A 308 -19.02 -27.91 -10.69
CA LEU A 308 -18.61 -26.52 -10.88
C LEU A 308 -18.48 -26.25 -12.37
N SER A 309 -19.48 -25.58 -12.93
CA SER A 309 -19.53 -25.31 -14.37
C SER A 309 -18.33 -24.47 -14.83
N ASP A 310 -17.78 -23.69 -13.91
CA ASP A 310 -16.60 -22.88 -14.21
C ASP A 310 -15.88 -22.59 -12.89
N THR A 311 -14.82 -21.79 -12.94
CA THR A 311 -14.10 -21.45 -11.72
C THR A 311 -15.02 -20.66 -10.80
N PRO A 312 -14.84 -20.80 -9.47
CA PRO A 312 -15.64 -19.99 -8.56
C PRO A 312 -15.50 -18.49 -8.83
N GLU A 313 -14.30 -18.02 -9.13
CA GLU A 313 -14.08 -16.60 -9.41
C GLU A 313 -14.98 -16.17 -10.57
N ALA A 314 -15.08 -17.02 -11.59
CA ALA A 314 -15.94 -16.75 -12.73
C ALA A 314 -17.40 -16.68 -12.29
N LEU A 315 -17.86 -17.72 -11.61
CA LEU A 315 -19.27 -17.86 -11.26
C LEU A 315 -19.76 -16.78 -10.30
N ILE A 316 -18.90 -16.35 -9.37
CA ILE A 316 -19.29 -15.29 -8.43
C ILE A 316 -19.31 -13.94 -9.14
N ASN A 317 -18.56 -13.82 -10.24
CA ASN A 317 -18.46 -12.56 -10.98
C ASN A 317 -19.62 -12.36 -11.96
N THR A 318 -20.28 -13.45 -12.34
CA THR A 318 -21.30 -13.41 -13.39
C THR A 318 -22.69 -13.84 -12.90
N GLY A 319 -22.73 -14.57 -11.80
CA GLY A 319 -23.98 -15.14 -11.32
C GLY A 319 -24.98 -14.13 -10.81
N ASP A 320 -26.24 -14.56 -10.73
CA ASP A 320 -27.32 -13.76 -10.17
C ASP A 320 -27.65 -14.28 -8.77
N PHE A 321 -27.65 -13.37 -7.79
CA PHE A 321 -27.84 -13.76 -6.39
C PHE A 321 -28.88 -12.90 -5.67
N GLN A 322 -29.86 -12.40 -6.42
CA GLN A 322 -30.91 -11.54 -5.87
C GLN A 322 -31.67 -12.24 -4.76
N ASP A 323 -32.01 -13.50 -4.98
CA ASP A 323 -32.81 -14.24 -4.00
C ASP A 323 -31.94 -14.94 -2.97
N LEU A 324 -30.73 -14.43 -2.76
CA LEU A 324 -29.80 -15.05 -1.81
C LEU A 324 -29.52 -14.17 -0.62
N GLN A 325 -29.52 -14.78 0.55
CA GLN A 325 -29.19 -14.13 1.81
C GLN A 325 -28.07 -14.90 2.48
N VAL A 326 -27.00 -14.18 2.83
CA VAL A 326 -25.78 -14.82 3.29
C VAL A 326 -25.07 -14.03 4.39
N LEU A 327 -24.55 -14.74 5.37
CA LEU A 327 -23.79 -14.17 6.48
C LEU A 327 -22.35 -14.66 6.41
N VAL A 328 -21.39 -13.73 6.40
CA VAL A 328 -19.99 -14.09 6.21
C VAL A 328 -19.08 -13.34 7.19
N GLY A 329 -17.89 -13.89 7.43
CA GLY A 329 -16.94 -13.21 8.28
C GLY A 329 -15.63 -13.94 8.49
N VAL A 330 -14.82 -13.39 9.39
CA VAL A 330 -13.45 -13.85 9.61
C VAL A 330 -13.08 -13.67 11.07
N VAL A 331 -12.05 -14.39 11.52
CA VAL A 331 -11.47 -14.13 12.83
C VAL A 331 -10.32 -13.15 12.62
N LYS A 332 -9.84 -12.57 13.72
CA LYS A 332 -8.88 -11.47 13.63
C LYS A 332 -7.52 -11.92 13.14
N ASP A 333 -7.14 -13.16 13.47
CA ASP A 333 -5.82 -13.68 13.11
C ASP A 333 -5.95 -15.00 12.34
N GLU A 334 -6.40 -14.89 11.09
CA GLU A 334 -6.65 -16.05 10.24
C GLU A 334 -5.39 -16.88 9.96
N GLY A 335 -4.24 -16.22 9.90
CA GLY A 335 -3.03 -16.85 9.40
C GLY A 335 -2.10 -17.45 10.43
N SER A 336 -2.23 -17.03 11.69
CA SER A 336 -1.27 -17.40 12.72
C SER A 336 -1.15 -18.91 12.89
N TYR A 337 -2.28 -19.60 12.84
CA TYR A 337 -2.34 -21.05 13.03
C TYR A 337 -1.44 -21.80 12.05
N PHE A 338 -1.38 -21.29 10.82
CA PHE A 338 -0.71 -22.01 9.74
C PHE A 338 0.81 -21.86 9.74
N LEU A 339 1.31 -20.84 10.43
CA LEU A 339 2.75 -20.58 10.42
C LEU A 339 3.55 -21.67 11.13
N VAL A 340 3.02 -22.18 12.23
CA VAL A 340 3.72 -23.21 13.01
C VAL A 340 3.73 -24.56 12.30
N TYR A 341 3.02 -24.66 11.19
CA TYR A 341 2.96 -25.88 10.39
C TYR A 341 3.74 -25.76 9.08
N GLY A 342 4.87 -25.06 9.10
CA GLY A 342 5.75 -25.07 7.95
C GLY A 342 6.57 -23.82 7.61
N VAL A 343 6.46 -22.76 8.41
CA VAL A 343 7.32 -21.60 8.21
C VAL A 343 8.45 -21.63 9.24
N PRO A 344 9.69 -21.86 8.78
CA PRO A 344 10.84 -21.89 9.71
C PRO A 344 10.94 -20.61 10.55
N GLY A 345 11.17 -20.77 11.85
CA GLY A 345 11.22 -19.66 12.78
C GLY A 345 10.00 -19.57 13.69
N PHE A 346 8.98 -20.35 13.37
CA PHE A 346 7.71 -20.32 14.11
C PHE A 346 7.51 -21.58 14.94
N SER A 347 6.96 -21.38 16.13
CA SER A 347 6.60 -22.47 17.03
C SER A 347 5.61 -21.97 18.07
N LYS A 348 4.82 -22.88 18.63
CA LYS A 348 3.83 -22.50 19.63
C LYS A 348 4.49 -22.36 21.01
N ASP A 349 5.75 -22.76 21.09
CA ASP A 349 6.44 -22.85 22.38
C ASP A 349 7.45 -21.71 22.61
N ASN A 350 7.66 -20.88 21.59
CA ASN A 350 8.39 -19.62 21.77
C ASN A 350 7.61 -18.47 21.13
N GLU A 351 8.11 -17.25 21.28
CA GLU A 351 7.41 -16.06 20.80
C GLU A 351 7.42 -15.94 19.28
N SER A 352 8.17 -16.82 18.63
CA SER A 352 8.22 -16.89 17.16
C SER A 352 8.70 -15.58 16.53
N LEU A 353 9.54 -14.84 17.25
CA LEU A 353 10.17 -13.65 16.69
C LEU A 353 11.10 -14.06 15.56
N ILE A 354 10.81 -13.56 14.35
CA ILE A 354 11.57 -13.93 13.17
C ILE A 354 12.40 -12.76 12.63
N SER A 355 13.33 -13.08 11.75
CA SER A 355 14.16 -12.08 11.08
C SER A 355 13.49 -11.63 9.80
N ARG A 356 14.04 -10.60 9.18
CA ARG A 356 13.52 -10.14 7.90
C ARG A 356 13.75 -11.23 6.87
N ALA A 357 14.89 -11.89 6.95
CA ALA A 357 15.23 -12.96 6.01
C ALA A 357 14.20 -14.09 6.08
N GLN A 358 13.77 -14.42 7.29
CA GLN A 358 12.77 -15.47 7.48
C GLN A 358 11.41 -15.03 6.98
N PHE A 359 11.12 -13.74 7.05
CA PHE A 359 9.89 -13.18 6.51
C PHE A 359 9.85 -13.36 5.00
N LEU A 360 10.96 -13.02 4.32
CA LEU A 360 11.04 -13.19 2.87
C LEU A 360 10.86 -14.65 2.51
N ALA A 361 11.52 -15.53 3.26
CA ALA A 361 11.44 -16.98 3.03
C ALA A 361 10.03 -17.51 3.29
N GLY A 362 9.38 -16.98 4.32
CA GLY A 362 8.03 -17.38 4.67
C GLY A 362 7.03 -16.98 3.61
N VAL A 363 7.23 -15.81 3.01
CA VAL A 363 6.36 -15.31 1.97
C VAL A 363 6.34 -16.26 0.77
N ARG A 364 7.49 -16.84 0.46
CA ARG A 364 7.58 -17.74 -0.69
C ARG A 364 6.83 -19.04 -0.42
N ILE A 365 6.70 -19.41 0.85
CA ILE A 365 5.98 -20.62 1.24
C ILE A 365 4.48 -20.35 1.35
N GLY A 366 4.12 -19.16 1.82
CA GLY A 366 2.74 -18.78 2.01
C GLY A 366 2.08 -18.27 0.73
N VAL A 367 2.91 -17.90 -0.24
CA VAL A 367 2.43 -17.47 -1.55
C VAL A 367 3.18 -18.27 -2.62
N PRO A 368 3.02 -19.61 -2.58
CA PRO A 368 3.85 -20.54 -3.35
C PRO A 368 3.81 -20.33 -4.87
N GLN A 369 2.75 -19.68 -5.36
CA GLN A 369 2.57 -19.53 -6.79
C GLN A 369 3.11 -18.20 -7.32
N ALA A 370 3.97 -17.55 -6.52
CA ALA A 370 4.43 -16.20 -6.83
C ALA A 370 5.83 -16.15 -7.43
N SER A 371 6.00 -15.28 -8.41
CA SER A 371 7.32 -14.98 -8.96
C SER A 371 8.18 -14.29 -7.91
N ASP A 372 9.42 -13.97 -8.28
CA ASP A 372 10.31 -13.22 -7.39
C ASP A 372 9.80 -11.79 -7.26
N LEU A 373 9.23 -11.27 -8.34
CA LEU A 373 8.68 -9.93 -8.35
C LEU A 373 7.43 -9.86 -7.48
N ALA A 374 6.50 -10.77 -7.75
CA ALA A 374 5.26 -10.86 -6.97
C ALA A 374 5.55 -10.99 -5.49
N ALA A 375 6.55 -11.81 -5.14
CA ALA A 375 6.91 -12.05 -3.75
C ALA A 375 7.43 -10.78 -3.10
N GLU A 376 8.28 -10.04 -3.80
CA GLU A 376 8.85 -8.81 -3.26
C GLU A 376 7.75 -7.78 -3.07
N ALA A 377 6.82 -7.71 -4.01
CA ALA A 377 5.68 -6.80 -3.89
C ALA A 377 4.91 -7.07 -2.60
N VAL A 378 4.77 -8.34 -2.24
CA VAL A 378 4.13 -8.72 -0.99
C VAL A 378 4.95 -8.21 0.19
N VAL A 379 6.24 -8.53 0.17
CA VAL A 379 7.16 -8.13 1.23
C VAL A 379 7.18 -6.62 1.44
N LEU A 380 7.27 -5.89 0.34
CA LEU A 380 7.34 -4.44 0.41
C LEU A 380 6.02 -3.86 0.90
N HIS A 381 4.91 -4.46 0.48
CA HIS A 381 3.59 -4.01 0.92
C HIS A 381 3.41 -4.21 2.43
N TYR A 382 3.94 -5.31 2.95
CA TYR A 382 3.71 -5.69 4.34
C TYR A 382 4.82 -5.24 5.29
N THR A 383 5.85 -4.61 4.76
CA THR A 383 6.96 -4.13 5.58
C THR A 383 6.55 -2.88 6.37
N ASP A 384 6.96 -2.84 7.63
CA ASP A 384 6.86 -1.63 8.44
C ASP A 384 8.16 -0.83 8.31
N TRP A 385 8.14 0.22 7.51
CA TRP A 385 9.38 0.90 7.12
C TRP A 385 9.96 1.79 8.21
N LEU A 386 9.19 2.03 9.27
CA LEU A 386 9.73 2.68 10.46
C LEU A 386 10.49 1.66 11.32
N HIS A 387 10.19 0.37 11.13
CA HIS A 387 10.86 -0.69 11.88
C HIS A 387 10.96 -1.97 11.05
N PRO A 388 11.63 -1.90 9.87
CA PRO A 388 11.64 -3.03 8.95
C PRO A 388 12.37 -4.26 9.49
N GLU A 389 13.13 -4.09 10.57
CA GLU A 389 13.91 -5.16 11.16
C GLU A 389 13.27 -5.66 12.46
N ASP A 390 12.19 -5.01 12.89
CA ASP A 390 11.54 -5.37 14.14
C ASP A 390 10.95 -6.78 14.03
N PRO A 391 11.44 -7.72 14.86
CA PRO A 391 11.03 -9.12 14.68
C PRO A 391 9.55 -9.34 14.97
N THR A 392 8.99 -8.59 15.91
CA THR A 392 7.59 -8.74 16.29
C THR A 392 6.67 -8.29 15.16
N HIS A 393 7.06 -7.24 14.46
CA HIS A 393 6.26 -6.74 13.34
C HIS A 393 6.40 -7.67 12.14
N LEU A 394 7.57 -8.27 11.98
CA LEU A 394 7.80 -9.21 10.89
C LEU A 394 6.99 -10.48 11.14
N ARG A 395 6.94 -10.89 12.41
CA ARG A 395 6.18 -12.07 12.80
C ARG A 395 4.68 -11.86 12.54
N ASP A 396 4.15 -10.74 12.99
CA ASP A 396 2.74 -10.43 12.81
C ASP A 396 2.40 -10.16 11.34
N ALA A 397 3.41 -9.79 10.56
CA ALA A 397 3.22 -9.53 9.13
C ALA A 397 3.09 -10.83 8.36
N MET A 398 3.90 -11.81 8.75
CA MET A 398 3.86 -13.13 8.14
C MET A 398 2.49 -13.77 8.33
N SER A 399 1.95 -13.61 9.53
CA SER A 399 0.61 -14.11 9.84
C SER A 399 -0.42 -13.41 8.96
N ALA A 400 -0.28 -12.11 8.81
CA ALA A 400 -1.24 -11.34 8.03
C ALA A 400 -1.20 -11.68 6.54
N VAL A 401 0.00 -11.90 6.01
CA VAL A 401 0.14 -12.30 4.60
C VAL A 401 -0.63 -13.58 4.35
N VAL A 402 -0.43 -14.57 5.22
CA VAL A 402 -1.10 -15.87 5.08
C VAL A 402 -2.60 -15.72 5.31
N GLY A 403 -2.97 -14.92 6.30
CA GLY A 403 -4.36 -14.68 6.63
C GLY A 403 -5.11 -13.95 5.52
N ASP A 404 -4.52 -12.87 5.03
CA ASP A 404 -5.16 -12.01 4.03
C ASP A 404 -5.29 -12.71 2.68
N HIS A 405 -4.24 -13.39 2.26
CA HIS A 405 -4.19 -14.06 0.96
C HIS A 405 -5.21 -15.20 0.86
N ASN A 406 -5.33 -15.97 1.94
CA ASN A 406 -6.12 -17.21 1.91
C ASN A 406 -7.57 -17.08 2.37
N VAL A 407 -7.85 -16.15 3.29
CA VAL A 407 -9.19 -16.02 3.85
C VAL A 407 -9.80 -14.62 3.69
N VAL A 408 -9.20 -13.63 4.33
CA VAL A 408 -9.82 -12.32 4.48
C VAL A 408 -10.14 -11.63 3.15
N CYS A 409 -9.25 -11.75 2.17
CA CYS A 409 -9.45 -11.05 0.91
C CYS A 409 -10.32 -11.86 -0.06
N PRO A 410 -10.20 -13.20 -0.03
CA PRO A 410 -11.22 -13.98 -0.73
C PRO A 410 -12.63 -13.74 -0.16
N VAL A 411 -12.75 -13.67 1.16
CA VAL A 411 -14.03 -13.36 1.78
C VAL A 411 -14.47 -11.95 1.40
N ALA A 412 -13.54 -11.01 1.44
CA ALA A 412 -13.82 -9.62 1.07
C ALA A 412 -14.30 -9.53 -0.37
N GLN A 413 -13.65 -10.27 -1.26
CA GLN A 413 -14.05 -10.29 -2.66
C GLN A 413 -15.45 -10.88 -2.78
N LEU A 414 -15.68 -11.99 -2.09
CA LEU A 414 -16.96 -12.69 -2.17
C LEU A 414 -18.10 -11.78 -1.74
N ALA A 415 -17.96 -11.13 -0.58
CA ALA A 415 -18.98 -10.24 -0.08
C ALA A 415 -19.24 -9.10 -1.06
N GLY A 416 -18.17 -8.58 -1.65
CA GLY A 416 -18.26 -7.51 -2.63
C GLY A 416 -19.09 -7.88 -3.85
N ARG A 417 -18.77 -9.02 -4.46
CA ARG A 417 -19.48 -9.47 -5.66
C ARG A 417 -20.95 -9.80 -5.35
N LEU A 418 -21.19 -10.51 -4.25
CA LEU A 418 -22.53 -10.94 -3.90
C LEU A 418 -23.45 -9.74 -3.66
N ALA A 419 -22.98 -8.80 -2.86
CA ALA A 419 -23.76 -7.60 -2.55
C ALA A 419 -24.07 -6.83 -3.83
N ALA A 420 -23.09 -6.73 -4.72
CA ALA A 420 -23.23 -5.97 -5.97
C ALA A 420 -24.20 -6.66 -6.93
N GLN A 421 -24.43 -7.95 -6.71
CA GLN A 421 -25.23 -8.75 -7.64
C GLN A 421 -26.49 -9.30 -6.98
N GLY A 422 -27.09 -8.52 -6.09
CA GLY A 422 -28.43 -8.79 -5.60
C GLY A 422 -28.54 -9.39 -4.22
N ALA A 423 -27.46 -10.02 -3.74
CA ALA A 423 -27.49 -10.72 -2.47
C ALA A 423 -27.55 -9.76 -1.30
N ARG A 424 -28.25 -10.15 -0.25
CA ARG A 424 -28.17 -9.46 1.03
C ARG A 424 -27.04 -10.10 1.82
N VAL A 425 -26.06 -9.28 2.18
CA VAL A 425 -24.86 -9.78 2.83
C VAL A 425 -24.68 -9.12 4.20
N TYR A 426 -24.44 -9.95 5.21
CA TYR A 426 -24.02 -9.47 6.54
C TYR A 426 -22.57 -9.89 6.76
N ALA A 427 -21.76 -8.97 7.28
CA ALA A 427 -20.34 -9.20 7.43
C ALA A 427 -19.88 -8.95 8.87
N TYR A 428 -18.93 -9.76 9.34
CA TYR A 428 -18.41 -9.63 10.69
C TYR A 428 -16.92 -9.96 10.77
N ILE A 429 -16.26 -9.41 11.78
CA ILE A 429 -14.96 -9.91 12.19
C ILE A 429 -15.08 -10.35 13.64
N PHE A 430 -14.56 -11.55 13.94
CA PHE A 430 -14.62 -12.10 15.29
C PHE A 430 -13.30 -11.88 15.99
N GLU A 431 -13.33 -11.16 17.11
CA GLU A 431 -12.11 -10.65 17.73
C GLU A 431 -11.85 -11.15 19.15
N HIS A 432 -12.72 -12.00 19.69
CA HIS A 432 -12.54 -12.47 21.06
C HIS A 432 -11.75 -13.77 21.14
N ARG A 433 -10.64 -13.73 21.87
CA ARG A 433 -9.85 -14.92 22.15
C ARG A 433 -10.43 -15.65 23.35
N ALA A 434 -10.75 -16.92 23.17
CA ALA A 434 -11.28 -17.73 24.25
C ALA A 434 -10.31 -17.74 25.43
N SER A 435 -10.83 -17.51 26.62
CA SER A 435 -10.01 -17.53 27.83
C SER A 435 -9.43 -18.92 28.05
N THR A 436 -10.00 -19.91 27.39
CA THR A 436 -9.59 -21.30 27.55
C THR A 436 -8.61 -21.73 26.48
N LEU A 437 -8.22 -20.79 25.61
CA LEU A 437 -7.36 -21.11 24.48
C LEU A 437 -5.97 -21.52 24.96
N THR A 438 -5.42 -22.57 24.37
CA THR A 438 -4.14 -23.14 24.81
C THR A 438 -3.01 -22.80 23.85
N TRP A 439 -3.35 -22.18 22.72
CA TRP A 439 -2.34 -21.67 21.80
C TRP A 439 -1.73 -20.41 22.40
N PRO A 440 -0.49 -20.08 21.99
CA PRO A 440 0.18 -18.91 22.56
C PRO A 440 -0.53 -17.61 22.23
N LEU A 441 -0.30 -16.58 23.02
CA LEU A 441 -0.99 -15.31 22.86
C LEU A 441 -0.65 -14.62 21.53
N TRP A 442 0.56 -14.85 21.03
CA TRP A 442 0.98 -14.14 19.81
C TRP A 442 0.13 -14.56 18.61
N MET A 443 -0.56 -15.68 18.72
CA MET A 443 -1.44 -16.16 17.65
C MET A 443 -2.78 -15.43 17.66
N GLY A 444 -3.07 -14.73 18.75
CA GLY A 444 -4.30 -13.96 18.86
C GLY A 444 -5.55 -14.81 18.81
N VAL A 445 -6.43 -14.52 17.86
CA VAL A 445 -7.65 -15.30 17.63
C VAL A 445 -7.47 -16.15 16.38
N PRO A 446 -7.05 -17.41 16.54
CA PRO A 446 -6.69 -18.16 15.35
C PRO A 446 -7.87 -18.73 14.57
N HIS A 447 -7.56 -19.19 13.37
CA HIS A 447 -8.47 -19.92 12.50
C HIS A 447 -9.25 -21.00 13.26
N GLY A 448 -10.56 -20.83 13.35
CA GLY A 448 -11.44 -21.88 13.88
C GLY A 448 -11.91 -21.72 15.31
N TYR A 449 -11.50 -20.64 15.98
CA TYR A 449 -11.80 -20.48 17.40
C TYR A 449 -12.92 -19.48 17.66
N GLU A 450 -13.77 -19.29 16.66
CA GLU A 450 -15.08 -18.67 16.87
C GLU A 450 -16.13 -19.76 17.03
N ILE A 451 -15.83 -20.94 16.48
CA ILE A 451 -16.81 -22.02 16.37
C ILE A 451 -17.40 -22.41 17.72
N GLU A 452 -16.54 -22.61 18.71
CA GLU A 452 -16.99 -23.05 20.03
C GLU A 452 -17.98 -22.07 20.66
N PHE A 453 -17.93 -20.81 20.22
CA PHE A 453 -18.87 -19.81 20.72
C PHE A 453 -20.18 -19.84 19.96
N ILE A 454 -20.13 -20.14 18.66
CA ILE A 454 -21.34 -20.21 17.84
C ILE A 454 -22.20 -21.38 18.28
N PHE A 455 -21.55 -22.49 18.61
CA PHE A 455 -22.25 -23.70 19.02
C PHE A 455 -22.61 -23.68 20.50
N GLY A 456 -22.13 -22.67 21.22
CA GLY A 456 -22.57 -22.42 22.59
C GLY A 456 -21.93 -23.27 23.66
N LEU A 457 -20.72 -23.75 23.42
CA LEU A 457 -20.00 -24.55 24.41
C LEU A 457 -19.77 -23.84 25.75
N PRO A 458 -19.56 -22.51 25.73
CA PRO A 458 -19.39 -21.81 27.00
C PRO A 458 -20.53 -21.97 28.00
N LEU A 459 -21.71 -22.36 27.52
CA LEU A 459 -22.88 -22.54 28.38
C LEU A 459 -22.74 -23.78 29.26
N ASP A 460 -21.75 -24.61 28.94
CA ASP A 460 -21.44 -25.80 29.71
C ASP A 460 -20.49 -25.41 30.85
N PRO A 461 -20.99 -25.37 32.10
CA PRO A 461 -20.18 -24.88 33.21
C PRO A 461 -18.86 -25.63 33.40
N SER A 462 -18.83 -26.89 32.98
CA SER A 462 -17.67 -27.72 33.20
C SER A 462 -16.48 -27.38 32.29
N LEU A 463 -16.68 -26.46 31.35
CA LEU A 463 -15.63 -26.09 30.41
C LEU A 463 -14.85 -24.85 30.87
N ASN A 464 -15.23 -24.31 32.03
CA ASN A 464 -14.46 -23.25 32.68
C ASN A 464 -14.33 -21.97 31.86
N TYR A 465 -15.39 -21.62 31.11
CA TYR A 465 -15.44 -20.32 30.44
C TYR A 465 -15.86 -19.24 31.43
N THR A 466 -15.55 -17.99 31.11
CA THR A 466 -15.99 -16.87 31.93
C THR A 466 -17.50 -16.68 31.77
N THR A 467 -18.13 -16.02 32.73
CA THR A 467 -19.55 -15.71 32.64
C THR A 467 -19.80 -14.77 31.46
N GLU A 468 -18.87 -13.85 31.23
CA GLU A 468 -19.00 -12.90 30.12
C GLU A 468 -18.99 -13.64 28.79
N GLU A 469 -18.16 -14.67 28.71
CA GLU A 469 -18.10 -15.52 27.53
C GLU A 469 -19.39 -16.29 27.34
N ARG A 470 -20.03 -16.64 28.45
CA ARG A 470 -21.30 -17.37 28.43
C ARG A 470 -22.41 -16.47 27.88
N ILE A 471 -22.41 -15.21 28.29
CA ILE A 471 -23.36 -14.22 27.75
C ILE A 471 -23.01 -13.92 26.30
N PHE A 472 -21.71 -13.86 26.01
CA PHE A 472 -21.24 -13.59 24.66
C PHE A 472 -21.69 -14.69 23.71
N ALA A 473 -21.57 -15.94 24.16
CA ALA A 473 -21.96 -17.09 23.34
C ALA A 473 -23.44 -17.05 23.01
N GLN A 474 -24.27 -16.80 24.02
CA GLN A 474 -25.71 -16.74 23.84
C GLN A 474 -26.09 -15.65 22.84
N ARG A 475 -25.34 -14.56 22.84
CA ARG A 475 -25.60 -13.44 21.96
C ARG A 475 -25.38 -13.83 20.49
N LEU A 476 -24.30 -14.59 20.25
CA LEU A 476 -23.97 -15.06 18.91
C LEU A 476 -24.94 -16.11 18.42
N MET A 477 -25.32 -17.04 19.30
CA MET A 477 -26.29 -18.06 18.96
C MET A 477 -27.59 -17.41 18.50
N LYS A 478 -27.92 -16.27 19.10
CA LYS A 478 -29.09 -15.51 18.67
C LYS A 478 -28.89 -14.94 17.28
N TYR A 479 -27.70 -14.38 17.02
CA TYR A 479 -27.39 -13.82 15.70
C TYR A 479 -27.53 -14.86 14.60
N TRP A 480 -26.91 -16.02 14.82
CA TRP A 480 -26.89 -17.08 13.82
C TRP A 480 -28.30 -17.66 13.58
N THR A 481 -29.01 -17.97 14.65
CA THR A 481 -30.35 -18.55 14.53
C THR A 481 -31.37 -17.53 14.04
N ASN A 482 -31.24 -16.27 14.47
CA ASN A 482 -32.10 -15.21 13.94
C ASN A 482 -31.95 -15.11 12.44
N PHE A 483 -30.70 -15.20 11.97
CA PHE A 483 -30.43 -15.12 10.53
C PHE A 483 -31.02 -16.30 9.78
N ALA A 484 -30.89 -17.49 10.36
CA ALA A 484 -31.47 -18.69 9.77
C ALA A 484 -33.00 -18.59 9.73
N ARG A 485 -33.55 -17.92 10.74
CA ARG A 485 -34.99 -17.81 10.91
C ARG A 485 -35.61 -16.78 9.98
N THR A 486 -34.89 -15.68 9.72
CA THR A 486 -35.46 -14.52 9.05
C THR A 486 -34.61 -13.98 7.89
N GLY A 487 -33.31 -14.31 7.88
CA GLY A 487 -32.39 -13.71 6.94
C GLY A 487 -31.96 -12.35 7.45
N ASP A 488 -31.92 -12.23 8.79
CA ASP A 488 -31.54 -11.00 9.45
C ASP A 488 -31.07 -11.35 10.86
N PRO A 489 -29.78 -11.17 11.15
CA PRO A 489 -29.27 -11.57 12.47
C PRO A 489 -29.82 -10.72 13.61
N ASN A 490 -30.44 -9.59 13.27
CA ASN A 490 -30.94 -8.68 14.29
C ASN A 490 -32.23 -9.18 14.94
N ASP A 491 -32.44 -8.76 16.19
CA ASP A 491 -33.67 -9.06 16.91
C ASP A 491 -34.68 -7.94 16.62
N PRO A 492 -35.82 -8.29 15.99
CA PRO A 492 -36.83 -7.26 15.74
C PRO A 492 -37.38 -6.66 17.04
N ARG A 493 -37.60 -7.52 18.03
CA ARG A 493 -38.14 -7.11 19.33
C ARG A 493 -37.30 -6.02 19.98
N ASP A 494 -35.98 -6.13 19.80
CA ASP A 494 -35.02 -5.27 20.45
C ASP A 494 -34.34 -4.33 19.44
N SER A 495 -34.79 -3.08 19.41
CA SER A 495 -34.21 -2.05 18.58
C SER A 495 -33.25 -1.17 19.41
N LYS A 496 -33.34 -1.30 20.73
CA LYS A 496 -32.46 -0.56 21.64
C LYS A 496 -31.00 -0.83 21.31
N SER A 497 -30.64 -2.10 21.20
CA SER A 497 -29.27 -2.50 20.87
C SER A 497 -28.86 -1.98 19.49
N PRO A 498 -27.56 -1.80 19.27
CA PRO A 498 -27.10 -1.38 17.95
C PRO A 498 -27.43 -2.42 16.89
N GLN A 499 -27.79 -1.96 15.69
CA GLN A 499 -28.16 -2.85 14.60
C GLN A 499 -26.93 -3.30 13.81
N TRP A 500 -27.05 -4.46 13.18
CA TRP A 500 -26.03 -5.01 12.31
C TRP A 500 -26.43 -4.72 10.88
N PRO A 501 -25.81 -3.71 10.25
CA PRO A 501 -26.24 -3.34 8.90
C PRO A 501 -25.74 -4.30 7.83
N PRO A 502 -26.51 -4.51 6.76
CA PRO A 502 -26.01 -5.31 5.63
C PRO A 502 -24.73 -4.72 5.05
N TYR A 503 -23.83 -5.58 4.61
CA TYR A 503 -22.65 -5.12 3.88
C TYR A 503 -23.04 -4.69 2.48
N THR A 504 -22.74 -3.44 2.14
CA THR A 504 -23.00 -2.91 0.81
C THR A 504 -21.70 -2.45 0.16
N THR A 505 -21.68 -2.42 -1.17
CA THR A 505 -20.50 -1.94 -1.89
C THR A 505 -20.27 -0.47 -1.56
N ALA A 506 -21.37 0.25 -1.38
CA ALA A 506 -21.32 1.68 -1.07
C ALA A 506 -20.61 1.95 0.26
N ALA A 507 -21.19 1.45 1.35
CA ALA A 507 -20.70 1.76 2.69
C ALA A 507 -19.70 0.72 3.19
N GLN A 508 -19.83 -0.52 2.73
CA GLN A 508 -18.93 -1.59 3.12
C GLN A 508 -18.95 -1.80 4.63
N GLN A 509 -20.15 -1.74 5.20
CA GLN A 509 -20.32 -1.89 6.64
C GLN A 509 -20.14 -3.34 7.09
N TYR A 510 -19.62 -3.51 8.31
CA TYR A 510 -19.52 -4.80 8.95
C TYR A 510 -19.39 -4.59 10.46
N VAL A 511 -19.54 -5.64 11.24
CA VAL A 511 -19.56 -5.52 12.71
C VAL A 511 -18.43 -6.27 13.39
N SER A 512 -17.98 -5.73 14.51
CA SER A 512 -17.03 -6.42 15.37
C SER A 512 -17.81 -7.33 16.31
N LEU A 513 -17.32 -8.55 16.48
CA LEU A 513 -17.92 -9.50 17.39
C LEU A 513 -16.96 -9.81 18.55
N ASN A 514 -17.23 -9.21 19.70
CA ASN A 514 -16.44 -9.43 20.90
C ASN A 514 -17.29 -9.18 22.14
N LEU A 515 -16.66 -9.19 23.31
CA LEU A 515 -17.36 -9.06 24.58
C LEU A 515 -18.13 -7.75 24.67
N LYS A 516 -17.64 -6.73 23.98
CA LYS A 516 -18.29 -5.42 23.97
C LYS A 516 -19.46 -5.44 22.98
N PRO A 517 -20.40 -4.49 23.12
CA PRO A 517 -21.54 -4.44 22.20
C PRO A 517 -21.12 -4.23 20.75
N LEU A 518 -21.99 -4.61 19.81
CA LEU A 518 -21.71 -4.46 18.39
C LEU A 518 -21.18 -3.08 18.05
N GLU A 519 -20.12 -3.06 17.24
CA GLU A 519 -19.54 -1.84 16.74
C GLU A 519 -19.44 -1.94 15.23
N VAL A 520 -20.03 -0.98 14.53
CA VAL A 520 -20.00 -0.99 13.07
C VAL A 520 -18.74 -0.31 12.55
N ARG A 521 -18.06 -0.99 11.64
CA ARG A 521 -16.86 -0.46 10.98
C ARG A 521 -17.10 -0.46 9.49
N ARG A 522 -16.13 0.06 8.74
CA ARG A 522 -16.25 0.16 7.29
C ARG A 522 -15.00 -0.32 6.56
N GLY A 523 -15.20 -1.09 5.51
CA GLY A 523 -14.12 -1.64 4.71
C GLY A 523 -13.38 -2.75 5.44
N LEU A 524 -13.38 -3.95 4.88
CA LEU A 524 -12.59 -5.04 5.44
C LEU A 524 -11.29 -5.13 4.65
N ARG A 525 -10.20 -4.71 5.30
CA ARG A 525 -8.87 -4.63 4.69
C ARG A 525 -8.95 -4.07 3.28
N ALA A 526 -9.70 -2.98 3.13
CA ALA A 526 -9.99 -2.42 1.80
C ALA A 526 -8.70 -2.17 0.98
N GLN A 527 -7.74 -1.47 1.57
CA GLN A 527 -6.49 -1.17 0.88
C GLN A 527 -5.70 -2.43 0.55
N THR A 528 -5.42 -3.23 1.59
CA THR A 528 -4.64 -4.45 1.43
C THR A 528 -5.29 -5.45 0.46
N CYS A 529 -6.61 -5.54 0.46
CA CYS A 529 -7.26 -6.52 -0.39
C CYS A 529 -7.33 -6.03 -1.83
N ALA A 530 -7.19 -4.72 -2.02
CA ALA A 530 -7.02 -4.19 -3.37
C ALA A 530 -5.70 -4.71 -3.94
N PHE A 531 -4.68 -4.81 -3.09
CA PHE A 531 -3.40 -5.35 -3.51
C PHE A 531 -3.55 -6.80 -3.97
N TRP A 532 -4.17 -7.63 -3.14
CA TRP A 532 -4.29 -9.05 -3.44
C TRP A 532 -5.28 -9.34 -4.57
N ASN A 533 -6.39 -8.62 -4.59
CA ASN A 533 -7.48 -8.95 -5.49
C ASN A 533 -7.46 -8.22 -6.84
N ARG A 534 -6.79 -7.07 -6.90
CA ARG A 534 -6.74 -6.28 -8.13
C ARG A 534 -5.35 -6.25 -8.76
N PHE A 535 -4.33 -5.97 -7.95
CA PHE A 535 -3.00 -5.79 -8.49
C PHE A 535 -2.30 -7.12 -8.82
N LEU A 536 -2.06 -7.94 -7.79
CA LEU A 536 -1.24 -9.15 -7.96
C LEU A 536 -1.67 -10.08 -9.10
N PRO A 537 -3.00 -10.22 -9.32
CA PRO A 537 -3.42 -11.03 -10.46
C PRO A 537 -2.86 -10.52 -11.79
N LYS A 538 -2.84 -9.20 -11.95
CA LYS A 538 -2.37 -8.57 -13.18
C LYS A 538 -0.84 -8.48 -13.21
N LEU A 539 -0.20 -8.93 -12.14
CA LEU A 539 1.25 -9.03 -12.09
C LEU A 539 1.67 -10.43 -12.52
N LEU A 540 0.81 -11.42 -12.23
CA LEU A 540 0.99 -12.77 -12.73
C LEU A 540 0.45 -12.90 -14.16
N SER A 541 0.02 -11.77 -14.73
CA SER A 541 -0.28 -11.67 -16.15
C SER A 541 0.91 -11.01 -16.85
N ALA A 542 2.10 -11.25 -16.30
CA ALA A 542 3.34 -10.68 -16.84
C ALA A 542 4.56 -11.35 -16.22
N GLU B 4 28.46 60.66 -0.63
CA GLU B 4 29.34 59.56 -1.00
C GLU B 4 29.61 58.66 0.21
N ASP B 5 28.85 57.58 0.30
CA ASP B 5 28.88 56.71 1.47
C ASP B 5 29.95 55.60 1.32
N PRO B 6 31.01 55.65 2.15
CA PRO B 6 32.06 54.64 2.01
C PRO B 6 31.59 53.21 2.29
N GLN B 7 30.47 53.07 2.99
CA GLN B 7 29.86 51.76 3.20
C GLN B 7 29.40 51.18 1.86
N LEU B 8 29.00 52.06 0.95
CA LEU B 8 28.47 51.66 -0.34
C LEU B 8 29.56 51.56 -1.40
N LEU B 9 30.82 51.59 -0.98
CA LEU B 9 31.94 51.51 -1.89
C LEU B 9 32.83 50.32 -1.54
N VAL B 10 33.07 49.46 -2.53
CA VAL B 10 33.83 48.24 -2.33
C VAL B 10 34.77 47.99 -3.48
N ARG B 11 35.93 47.41 -3.17
CA ARG B 11 36.88 47.01 -4.20
C ARG B 11 36.99 45.49 -4.27
N VAL B 12 36.44 44.94 -5.34
CA VAL B 12 36.61 43.53 -5.66
C VAL B 12 37.77 43.42 -6.65
N ARG B 13 38.19 42.19 -6.93
CA ARG B 13 39.38 41.96 -7.75
C ARG B 13 39.27 42.57 -9.14
N GLY B 14 38.05 42.79 -9.60
CA GLY B 14 37.81 43.31 -10.93
C GLY B 14 37.74 44.83 -10.99
N GLY B 15 37.72 45.47 -9.82
CA GLY B 15 37.64 46.92 -9.75
C GLY B 15 36.71 47.39 -8.65
N GLN B 16 36.22 48.62 -8.78
CA GLN B 16 35.41 49.24 -7.74
C GLN B 16 33.91 49.18 -8.03
N LEU B 17 33.12 49.08 -6.96
CA LEU B 17 31.66 48.99 -7.06
C LEU B 17 31.02 50.08 -6.22
N ARG B 18 29.86 50.55 -6.67
CA ARG B 18 29.05 51.48 -5.88
C ARG B 18 27.73 50.82 -5.54
N GLY B 19 27.57 50.44 -4.27
CA GLY B 19 26.34 49.84 -3.81
C GLY B 19 25.28 50.89 -3.56
N ILE B 20 24.16 50.45 -3.00
CA ILE B 20 23.06 51.34 -2.64
C ILE B 20 22.55 50.98 -1.26
N ARG B 21 22.20 52.00 -0.47
CA ARG B 21 21.65 51.79 0.85
C ARG B 21 20.15 51.63 0.76
N LEU B 22 19.67 50.46 1.17
CA LEU B 22 18.25 50.13 1.09
C LEU B 22 17.60 50.13 2.47
N LYS B 23 16.34 50.55 2.53
CA LYS B 23 15.58 50.56 3.76
C LYS B 23 14.89 49.21 3.96
N ALA B 24 15.22 48.57 5.08
CA ALA B 24 14.48 47.40 5.54
C ALA B 24 13.77 47.77 6.85
N PRO B 25 12.69 47.04 7.19
CA PRO B 25 11.83 47.41 8.32
C PRO B 25 12.58 47.78 9.60
N GLY B 26 13.65 47.05 9.91
CA GLY B 26 14.39 47.26 11.14
C GLY B 26 15.62 48.13 11.00
N GLY B 27 15.94 48.54 9.78
CA GLY B 27 17.10 49.37 9.54
C GLY B 27 17.62 49.27 8.10
N PRO B 28 18.74 49.95 7.82
CA PRO B 28 19.32 49.97 6.48
C PRO B 28 20.18 48.75 6.18
N VAL B 29 20.36 48.46 4.89
CA VAL B 29 21.27 47.41 4.45
C VAL B 29 22.02 47.86 3.19
N SER B 30 23.29 47.47 3.09
CA SER B 30 24.08 47.75 1.91
C SER B 30 23.84 46.71 0.84
N ALA B 31 23.31 47.12 -0.30
CA ALA B 31 23.03 46.22 -1.41
C ALA B 31 23.93 46.53 -2.60
N PHE B 32 24.52 45.47 -3.16
CA PHE B 32 25.34 45.59 -4.36
C PHE B 32 24.77 44.69 -5.44
N LEU B 33 23.90 45.27 -6.26
CA LEU B 33 23.16 44.53 -7.28
C LEU B 33 23.79 44.64 -8.66
N GLY B 34 23.69 43.59 -9.46
CA GLY B 34 24.09 43.63 -10.86
C GLY B 34 25.59 43.50 -11.10
N ILE B 35 26.30 42.88 -10.17
CA ILE B 35 27.75 42.72 -10.31
C ILE B 35 28.07 41.64 -11.34
N PRO B 36 28.88 41.98 -12.36
CA PRO B 36 29.24 40.94 -13.35
C PRO B 36 30.27 39.97 -12.80
N PHE B 37 30.06 38.67 -12.98
CA PHE B 37 31.05 37.68 -12.58
C PHE B 37 31.57 36.91 -13.79
N ALA B 38 30.99 37.18 -14.96
CA ALA B 38 31.41 36.51 -16.19
C ALA B 38 31.34 37.43 -17.41
N GLU B 39 32.12 37.10 -18.43
CA GLU B 39 31.97 37.72 -19.74
C GLU B 39 30.61 37.33 -20.31
N PRO B 40 29.86 38.30 -20.84
CA PRO B 40 28.56 37.96 -21.45
C PRO B 40 28.63 36.79 -22.42
N PRO B 41 27.84 35.74 -22.18
CA PRO B 41 27.89 34.52 -23.01
C PRO B 41 27.10 34.71 -24.30
N VAL B 42 27.51 35.67 -25.10
CA VAL B 42 26.76 36.07 -26.28
C VAL B 42 27.55 35.78 -27.56
N GLY B 43 26.82 35.65 -28.67
CA GLY B 43 27.42 35.34 -29.94
C GLY B 43 28.15 34.00 -29.91
N SER B 44 29.47 34.07 -29.97
CA SER B 44 30.31 32.87 -30.04
C SER B 44 30.32 32.09 -28.73
N ARG B 45 29.96 32.76 -27.64
CA ARG B 45 30.00 32.17 -26.31
C ARG B 45 28.69 31.49 -25.93
N ARG B 46 27.71 31.52 -26.82
CA ARG B 46 26.47 30.81 -26.61
C ARG B 46 26.76 29.31 -26.53
N PHE B 47 26.13 28.64 -25.57
CA PHE B 47 26.32 27.21 -25.30
C PHE B 47 27.70 26.89 -24.74
N MET B 48 28.51 27.91 -24.46
CA MET B 48 29.89 27.69 -24.00
C MET B 48 30.03 27.90 -22.50
N PRO B 49 31.04 27.26 -21.89
CA PRO B 49 31.39 27.54 -20.49
C PRO B 49 31.68 29.01 -20.24
N PRO B 50 31.23 29.56 -19.10
CA PRO B 50 31.47 30.98 -18.83
C PRO B 50 32.94 31.30 -18.62
N GLU B 51 33.35 32.51 -19.00
CA GLU B 51 34.71 32.99 -18.75
C GLU B 51 34.68 34.08 -17.70
N PRO B 52 35.71 34.14 -16.84
CA PRO B 52 35.74 35.20 -15.82
C PRO B 52 35.69 36.61 -16.41
N LYS B 53 35.03 37.51 -15.69
CA LYS B 53 34.82 38.88 -16.13
C LYS B 53 36.14 39.65 -16.24
N ARG B 54 36.31 40.37 -17.34
CA ARG B 54 37.47 41.25 -17.52
C ARG B 54 37.40 42.39 -16.51
N PRO B 55 38.55 42.77 -15.91
CA PRO B 55 38.59 43.95 -15.04
C PRO B 55 38.00 45.19 -15.70
N TRP B 56 37.54 46.15 -14.90
CA TRP B 56 36.92 47.36 -15.43
C TRP B 56 37.52 48.63 -14.80
N SER B 57 37.35 49.75 -15.50
CA SER B 57 37.86 51.03 -15.05
C SER B 57 36.84 51.77 -14.19
N GLY B 58 37.30 52.71 -13.37
CA GLY B 58 36.43 53.56 -12.60
C GLY B 58 35.58 52.82 -11.59
N VAL B 59 34.40 53.39 -11.32
CA VAL B 59 33.48 52.83 -10.34
C VAL B 59 32.24 52.31 -11.05
N LEU B 60 32.07 50.99 -11.02
CA LEU B 60 30.92 50.34 -11.64
C LEU B 60 29.66 50.53 -10.78
N ASP B 61 28.59 50.94 -11.42
CA ASP B 61 27.32 51.18 -10.75
C ASP B 61 26.59 49.88 -10.45
N ALA B 62 26.61 49.47 -9.18
CA ALA B 62 25.97 48.23 -8.74
C ALA B 62 24.80 48.55 -7.82
N THR B 63 23.84 49.31 -8.35
CA THR B 63 22.74 49.82 -7.54
C THR B 63 21.39 49.36 -8.07
N THR B 64 21.41 48.57 -9.14
CA THR B 64 20.19 48.10 -9.77
C THR B 64 20.31 46.64 -10.18
N PHE B 65 19.17 45.95 -10.29
CA PHE B 65 19.16 44.58 -10.78
C PHE B 65 19.45 44.57 -12.27
N GLN B 66 20.27 43.62 -12.70
CA GLN B 66 20.62 43.48 -14.09
C GLN B 66 19.57 42.64 -14.83
N ASN B 67 19.84 42.35 -16.10
CA ASN B 67 18.89 41.64 -16.94
C ASN B 67 18.65 40.20 -16.50
N VAL B 68 17.52 39.65 -16.92
CA VAL B 68 17.17 38.27 -16.67
C VAL B 68 17.65 37.41 -17.83
N CYS B 69 18.20 36.24 -17.54
CA CYS B 69 18.65 35.34 -18.60
C CYS B 69 17.49 35.01 -19.53
N TYR B 70 17.75 35.02 -20.83
CA TYR B 70 16.68 34.85 -21.80
C TYR B 70 16.02 33.51 -21.56
N GLN B 71 14.70 33.54 -21.44
CA GLN B 71 13.94 32.39 -20.99
C GLN B 71 12.50 32.47 -21.45
N TYR B 72 11.84 31.31 -21.47
CA TYR B 72 10.40 31.24 -21.68
C TYR B 72 9.69 32.00 -20.56
N VAL B 73 8.64 32.73 -20.92
CA VAL B 73 7.83 33.44 -19.95
C VAL B 73 6.42 32.85 -19.94
N ASP B 74 5.92 32.55 -18.74
CA ASP B 74 4.63 31.89 -18.59
C ASP B 74 3.49 32.77 -19.07
N THR B 75 2.42 32.13 -19.56
CA THR B 75 1.30 32.84 -20.18
C THR B 75 -0.06 32.22 -19.85
N LEU B 76 -0.08 31.23 -18.97
CA LEU B 76 -1.31 30.50 -18.68
C LEU B 76 -2.38 31.40 -18.06
N TYR B 77 -1.96 32.31 -17.19
CA TYR B 77 -2.88 33.20 -16.49
C TYR B 77 -2.35 34.63 -16.54
N PRO B 78 -2.47 35.30 -17.69
CA PRO B 78 -1.92 36.65 -17.87
C PRO B 78 -2.52 37.65 -16.89
N GLY B 79 -1.67 38.30 -16.10
CA GLY B 79 -2.09 39.30 -15.15
C GLY B 79 -2.37 38.74 -13.77
N PHE B 80 -2.48 37.41 -13.67
CA PHE B 80 -2.68 36.76 -12.38
C PHE B 80 -1.44 36.87 -11.52
N GLU B 81 -1.62 37.42 -10.32
CA GLU B 81 -0.50 37.66 -9.41
C GLU B 81 0.24 36.37 -9.08
N GLY B 82 -0.51 35.27 -8.94
CA GLY B 82 0.07 34.01 -8.55
C GLY B 82 1.11 33.47 -9.52
N THR B 83 0.97 33.83 -10.79
CA THR B 83 1.93 33.43 -11.82
C THR B 83 2.96 34.52 -12.10
N GLU B 84 2.51 35.77 -12.04
CA GLU B 84 3.37 36.91 -12.39
C GLU B 84 4.52 37.09 -11.41
N MET B 85 4.37 36.57 -10.20
CA MET B 85 5.41 36.74 -9.17
C MET B 85 6.66 35.93 -9.49
N TRP B 86 6.55 35.02 -10.46
CA TRP B 86 7.67 34.19 -10.89
C TRP B 86 8.22 34.64 -12.23
N ASN B 87 7.48 35.50 -12.94
CA ASN B 87 7.90 35.95 -14.25
C ASN B 87 9.03 36.98 -14.15
N PRO B 88 9.85 37.11 -15.22
CA PRO B 88 10.95 38.08 -15.24
C PRO B 88 10.47 39.50 -14.94
N ASN B 89 11.21 40.22 -14.10
CA ASN B 89 10.85 41.59 -13.73
C ASN B 89 11.95 42.56 -14.14
N ARG B 90 12.83 42.10 -15.02
CA ARG B 90 13.76 42.96 -15.75
C ARG B 90 13.80 42.48 -17.20
N GLU B 91 14.33 43.31 -18.09
CA GLU B 91 14.42 42.96 -19.50
C GLU B 91 15.19 41.66 -19.68
N LEU B 92 14.76 40.85 -20.64
CA LEU B 92 15.45 39.61 -20.96
C LEU B 92 16.69 39.87 -21.80
N SER B 93 17.71 39.03 -21.63
CA SER B 93 18.95 39.16 -22.37
C SER B 93 19.87 37.97 -22.16
N GLU B 94 20.63 37.59 -23.19
CA GLU B 94 21.66 36.58 -23.03
C GLU B 94 22.80 37.14 -22.19
N ASP B 95 22.90 38.47 -22.16
CA ASP B 95 23.81 39.15 -21.26
C ASP B 95 23.12 39.26 -19.91
N CYS B 96 23.39 38.29 -19.04
CA CYS B 96 22.61 38.13 -17.81
C CYS B 96 23.43 37.64 -16.62
N LEU B 97 24.70 37.33 -16.86
CA LEU B 97 25.51 36.71 -15.83
C LEU B 97 26.04 37.73 -14.83
N TYR B 98 25.14 38.13 -13.94
CA TYR B 98 25.43 39.05 -12.86
C TYR B 98 24.92 38.47 -11.54
N LEU B 99 25.59 38.82 -10.44
CA LEU B 99 25.16 38.38 -9.12
C LEU B 99 24.85 39.59 -8.22
N ASN B 100 24.07 39.35 -7.18
CA ASN B 100 23.68 40.37 -6.23
C ASN B 100 24.19 40.06 -4.83
N VAL B 101 24.39 41.08 -4.02
CA VAL B 101 24.90 40.91 -2.67
C VAL B 101 24.25 41.88 -1.69
N TRP B 102 23.73 41.35 -0.59
CA TRP B 102 23.25 42.17 0.52
C TRP B 102 24.13 41.94 1.76
N THR B 103 24.48 43.03 2.44
CA THR B 103 25.16 42.96 3.72
C THR B 103 24.46 43.89 4.70
N PRO B 104 24.67 43.69 6.01
CA PRO B 104 24.17 44.67 6.95
C PRO B 104 24.84 46.03 6.78
N TYR B 105 24.24 47.03 7.38
CA TYR B 105 24.72 48.41 7.30
C TYR B 105 24.80 48.95 8.72
N PRO B 106 26.02 49.19 9.23
CA PRO B 106 27.34 49.10 8.58
C PRO B 106 27.74 47.69 8.17
N ARG B 107 28.77 47.62 7.33
CA ARG B 107 29.38 46.37 6.93
C ARG B 107 29.75 45.57 8.18
N PRO B 108 29.64 44.23 8.13
CA PRO B 108 30.01 43.43 9.30
C PRO B 108 31.43 43.71 9.80
N ALA B 109 31.56 43.91 11.11
CA ALA B 109 32.87 44.09 11.74
C ALA B 109 33.68 42.81 11.64
N SER B 110 33.07 41.71 12.07
CA SER B 110 33.69 40.39 12.00
C SER B 110 33.22 39.63 10.74
N PRO B 111 34.05 38.70 10.24
CA PRO B 111 33.64 37.88 9.09
C PRO B 111 32.33 37.13 9.32
N THR B 112 31.42 37.19 8.35
CA THR B 112 30.04 36.75 8.50
C THR B 112 29.71 35.53 7.64
N PRO B 113 28.85 34.63 8.13
CA PRO B 113 28.40 33.52 7.28
C PRO B 113 27.72 33.99 5.99
N VAL B 114 28.00 33.29 4.90
CA VAL B 114 27.49 33.65 3.58
C VAL B 114 26.42 32.66 3.11
N LEU B 115 25.23 33.19 2.80
CA LEU B 115 24.17 32.41 2.18
C LEU B 115 24.10 32.70 0.68
N ILE B 116 24.28 31.66 -0.13
CA ILE B 116 24.17 31.81 -1.58
C ILE B 116 22.88 31.16 -2.10
N TRP B 117 21.98 31.99 -2.61
CA TRP B 117 20.72 31.53 -3.18
C TRP B 117 20.84 31.13 -4.65
N ILE B 118 20.39 29.93 -4.97
CA ILE B 118 20.27 29.48 -6.35
C ILE B 118 18.78 29.28 -6.66
N TYR B 119 18.22 30.14 -7.49
CA TYR B 119 16.79 30.07 -7.76
C TYR B 119 16.43 28.83 -8.59
N GLY B 120 15.13 28.58 -8.68
CA GLY B 120 14.62 27.50 -9.50
C GLY B 120 13.73 28.01 -10.61
N GLY B 121 13.08 27.10 -11.32
CA GLY B 121 12.26 27.43 -12.47
C GLY B 121 12.36 26.38 -13.56
N GLY B 122 12.61 25.13 -13.16
CA GLY B 122 12.68 24.02 -14.08
C GLY B 122 13.86 24.06 -15.04
N PHE B 123 14.92 24.78 -14.64
CA PHE B 123 16.09 24.97 -15.48
C PHE B 123 15.75 25.64 -16.80
N TYR B 124 14.57 26.25 -16.90
CA TYR B 124 14.14 26.93 -18.12
C TYR B 124 13.70 28.37 -17.82
N SER B 125 13.72 28.73 -16.54
CA SER B 125 13.22 30.04 -16.12
C SER B 125 13.80 30.42 -14.76
N GLY B 126 13.51 31.64 -14.32
CA GLY B 126 13.96 32.13 -13.03
C GLY B 126 14.88 33.33 -13.12
N ALA B 127 15.02 34.03 -12.00
CA ALA B 127 15.88 35.20 -11.91
C ALA B 127 16.15 35.54 -10.45
N ALA B 128 17.31 36.11 -10.17
CA ALA B 128 17.69 36.45 -8.80
C ALA B 128 17.08 37.77 -8.35
N SER B 129 16.32 38.41 -9.25
CA SER B 129 15.78 39.74 -8.99
C SER B 129 14.30 39.72 -8.57
N LEU B 130 13.71 38.53 -8.48
CA LEU B 130 12.33 38.40 -8.04
C LEU B 130 12.19 38.90 -6.60
N ASP B 131 11.05 39.47 -6.28
CA ASP B 131 10.85 40.06 -4.96
C ASP B 131 10.95 39.04 -3.83
N VAL B 132 10.54 37.81 -4.11
CA VAL B 132 10.57 36.75 -3.09
C VAL B 132 11.99 36.32 -2.75
N TYR B 133 12.96 36.74 -3.55
CA TYR B 133 14.38 36.43 -3.29
C TYR B 133 15.10 37.64 -2.71
N ASP B 134 14.34 38.64 -2.29
CA ASP B 134 14.92 39.84 -1.69
C ASP B 134 15.71 39.49 -0.44
N GLY B 135 17.02 39.70 -0.49
CA GLY B 135 17.91 39.31 0.60
C GLY B 135 18.15 40.38 1.64
N ARG B 136 17.35 41.44 1.62
CA ARG B 136 17.56 42.55 2.54
C ARG B 136 17.14 42.19 3.97
N PHE B 137 16.10 41.37 4.10
CA PHE B 137 15.55 41.03 5.41
C PHE B 137 16.49 40.14 6.20
N LEU B 138 17.04 39.12 5.54
CA LEU B 138 17.97 38.21 6.20
C LEU B 138 19.24 38.94 6.62
N ALA B 139 19.72 39.83 5.76
CA ALA B 139 20.93 40.59 6.04
C ALA B 139 20.73 41.56 7.20
N GLN B 140 19.54 42.13 7.29
CA GLN B 140 19.24 43.11 8.32
C GLN B 140 18.95 42.46 9.67
N VAL B 141 18.09 41.45 9.67
CA VAL B 141 17.64 40.82 10.91
C VAL B 141 18.70 39.88 11.49
N GLU B 142 19.26 39.01 10.65
CA GLU B 142 20.19 37.98 11.13
C GLU B 142 21.65 38.36 10.92
N GLY B 143 21.90 39.54 10.35
CA GLY B 143 23.26 40.01 10.12
C GLY B 143 24.01 39.12 9.15
N ALA B 144 23.29 38.53 8.21
CA ALA B 144 23.88 37.62 7.22
C ALA B 144 24.36 38.39 5.99
N VAL B 145 25.27 37.76 5.24
CA VAL B 145 25.64 38.24 3.92
C VAL B 145 25.01 37.32 2.90
N LEU B 146 24.02 37.84 2.17
CA LEU B 146 23.32 37.06 1.18
C LEU B 146 23.85 37.34 -0.23
N VAL B 147 23.96 36.27 -1.01
CA VAL B 147 24.41 36.37 -2.40
C VAL B 147 23.45 35.60 -3.30
N SER B 148 23.21 36.12 -4.49
CA SER B 148 22.41 35.40 -5.49
C SER B 148 22.93 35.72 -6.88
N MET B 149 22.96 34.70 -7.75
CA MET B 149 23.44 34.87 -9.10
C MET B 149 22.37 34.48 -10.10
N ASN B 150 22.43 35.08 -11.28
CA ASN B 150 21.71 34.57 -12.43
C ASN B 150 22.54 33.47 -13.05
N TYR B 151 21.86 32.49 -13.64
CA TYR B 151 22.54 31.47 -14.44
C TYR B 151 21.68 31.15 -15.64
N ARG B 152 22.32 30.76 -16.73
CA ARG B 152 21.63 30.51 -17.97
C ARG B 152 20.65 29.35 -17.83
N VAL B 153 19.45 29.54 -18.35
CA VAL B 153 18.41 28.53 -18.34
C VAL B 153 18.01 28.16 -19.76
N GLY B 154 17.24 27.09 -19.89
CA GLY B 154 16.77 26.64 -21.18
C GLY B 154 17.91 26.17 -22.06
N THR B 155 17.78 26.40 -23.36
CA THR B 155 18.79 25.99 -24.32
C THR B 155 20.13 26.69 -24.08
N PHE B 156 20.07 27.93 -23.60
CA PHE B 156 21.27 28.73 -23.42
C PHE B 156 22.13 28.20 -22.27
N GLY B 157 21.51 27.47 -21.36
CA GLY B 157 22.20 27.00 -20.17
C GLY B 157 22.49 25.50 -20.15
N PHE B 158 21.72 24.72 -20.91
CA PHE B 158 21.79 23.27 -20.79
C PHE B 158 21.62 22.49 -22.09
N LEU B 159 21.42 23.19 -23.20
CA LEU B 159 21.47 22.51 -24.50
C LEU B 159 22.86 21.92 -24.68
N ALA B 160 22.93 20.65 -25.05
CA ALA B 160 24.22 19.96 -25.12
C ALA B 160 24.27 18.97 -26.28
N LEU B 161 25.40 18.99 -26.98
CA LEU B 161 25.79 17.91 -27.87
C LEU B 161 26.99 17.23 -27.23
N PRO B 162 26.74 16.31 -26.29
CA PRO B 162 27.79 15.73 -25.44
C PRO B 162 29.02 15.27 -26.23
N GLY B 163 30.20 15.54 -25.68
CA GLY B 163 31.45 15.17 -26.33
C GLY B 163 31.95 16.27 -27.25
N SER B 164 31.08 17.19 -27.63
CA SER B 164 31.46 18.30 -28.50
C SER B 164 32.15 19.39 -27.71
N ARG B 165 32.93 20.21 -28.42
CA ARG B 165 33.70 21.28 -27.77
C ARG B 165 32.85 22.53 -27.57
N GLU B 166 31.92 22.77 -28.49
CA GLU B 166 31.19 24.04 -28.53
C GLU B 166 29.77 23.94 -27.95
N ALA B 167 29.47 22.80 -27.34
CA ALA B 167 28.21 22.62 -26.62
C ALA B 167 28.33 21.42 -25.68
N PRO B 168 29.26 21.50 -24.70
CA PRO B 168 29.58 20.39 -23.80
C PRO B 168 28.50 20.12 -22.76
N GLY B 169 27.61 21.09 -22.55
CA GLY B 169 26.52 20.94 -21.59
C GLY B 169 26.87 21.44 -20.20
N ASN B 170 25.83 21.63 -19.39
CA ASN B 170 25.95 22.01 -17.98
C ASN B 170 26.58 23.39 -17.77
N VAL B 171 26.54 24.26 -18.78
CA VAL B 171 27.14 25.57 -18.63
C VAL B 171 26.37 26.41 -17.62
N GLY B 172 25.06 26.15 -17.52
CA GLY B 172 24.24 26.83 -16.54
C GLY B 172 24.72 26.51 -15.14
N LEU B 173 25.19 25.29 -14.94
CA LEU B 173 25.74 24.88 -13.65
C LEU B 173 27.10 25.52 -13.45
N LEU B 174 27.82 25.70 -14.55
CA LEU B 174 29.15 26.30 -14.48
C LEU B 174 29.04 27.80 -14.22
N ASP B 175 27.96 28.40 -14.71
CA ASP B 175 27.64 29.78 -14.34
C ASP B 175 27.55 29.90 -12.83
N GLN B 176 26.80 28.99 -12.23
CA GLN B 176 26.66 28.96 -10.78
C GLN B 176 28.01 28.77 -10.11
N ARG B 177 28.78 27.80 -10.60
CA ARG B 177 30.09 27.48 -10.02
C ARG B 177 31.02 28.69 -10.06
N LEU B 178 30.95 29.47 -11.13
CA LEU B 178 31.83 30.63 -11.27
C LEU B 178 31.47 31.70 -10.24
N ALA B 179 30.17 31.91 -10.04
CA ALA B 179 29.68 32.84 -9.04
C ALA B 179 30.12 32.40 -7.64
N LEU B 180 30.24 31.08 -7.45
CA LEU B 180 30.73 30.53 -6.19
C LEU B 180 32.19 30.88 -6.02
N GLN B 181 32.96 30.75 -7.10
CA GLN B 181 34.37 31.11 -7.10
C GLN B 181 34.55 32.60 -6.82
N TRP B 182 33.63 33.41 -7.34
CA TRP B 182 33.66 34.84 -7.11
C TRP B 182 33.49 35.16 -5.62
N VAL B 183 32.54 34.48 -4.97
CA VAL B 183 32.31 34.66 -3.55
C VAL B 183 33.55 34.32 -2.74
N GLN B 184 34.22 33.22 -3.08
CA GLN B 184 35.47 32.87 -2.42
C GLN B 184 36.50 33.98 -2.58
N GLU B 185 36.65 34.46 -3.80
CA GLU B 185 37.68 35.43 -4.14
C GLU B 185 37.40 36.84 -3.65
N ASN B 186 36.13 37.17 -3.41
CA ASN B 186 35.73 38.57 -3.23
C ASN B 186 34.84 38.89 -2.02
N ILE B 187 34.12 37.91 -1.49
CA ILE B 187 33.10 38.21 -0.49
C ILE B 187 33.71 38.76 0.80
N ALA B 188 34.98 38.44 1.04
CA ALA B 188 35.68 38.95 2.22
C ALA B 188 35.66 40.48 2.26
N ALA B 189 35.59 41.12 1.10
CA ALA B 189 35.58 42.57 1.01
C ALA B 189 34.23 43.16 1.44
N PHE B 190 33.21 42.31 1.51
CA PHE B 190 31.87 42.73 1.90
C PHE B 190 31.60 42.44 3.37
N GLY B 191 32.59 41.86 4.04
CA GLY B 191 32.45 41.46 5.44
C GLY B 191 32.03 40.01 5.58
N GLY B 192 31.96 39.29 4.45
CA GLY B 192 31.56 37.90 4.45
C GLY B 192 32.72 36.96 4.76
N ASP B 193 32.38 35.76 5.23
CA ASP B 193 33.37 34.73 5.55
C ASP B 193 33.35 33.66 4.46
N PRO B 194 34.40 33.62 3.62
CA PRO B 194 34.39 32.61 2.54
C PRO B 194 34.55 31.18 3.04
N MET B 195 34.97 31.00 4.29
CA MET B 195 35.10 29.67 4.86
C MET B 195 33.79 29.16 5.46
N SER B 196 32.77 30.02 5.47
CA SER B 196 31.44 29.63 5.89
C SER B 196 30.42 30.02 4.82
N VAL B 197 30.36 29.23 3.75
CA VAL B 197 29.42 29.46 2.67
C VAL B 197 28.33 28.38 2.67
N THR B 198 27.07 28.82 2.73
CA THR B 198 25.92 27.93 2.70
C THR B 198 25.11 28.11 1.43
N LEU B 199 25.08 27.08 0.59
CA LEU B 199 24.22 27.10 -0.59
C LEU B 199 22.79 26.75 -0.17
N PHE B 200 21.81 27.49 -0.69
CA PHE B 200 20.43 27.08 -0.55
C PHE B 200 19.64 27.48 -1.78
N GLY B 201 18.69 26.64 -2.15
CA GLY B 201 17.92 26.84 -3.37
C GLY B 201 16.62 26.08 -3.30
N GLU B 202 15.76 26.29 -4.30
CA GLU B 202 14.44 25.69 -4.32
C GLU B 202 14.09 25.13 -5.71
N SER B 203 13.45 23.96 -5.75
CA SER B 203 13.08 23.30 -7.00
C SER B 203 14.34 22.96 -7.83
N ALA B 204 14.43 23.50 -9.05
CA ALA B 204 15.62 23.30 -9.88
C ALA B 204 16.85 23.84 -9.17
N GLY B 205 16.65 24.83 -8.32
CA GLY B 205 17.72 25.39 -7.51
C GLY B 205 18.23 24.40 -6.48
N ALA B 206 17.31 23.67 -5.86
CA ALA B 206 17.69 22.67 -4.88
C ALA B 206 18.46 21.54 -5.55
N ALA B 207 17.97 21.12 -6.72
CA ALA B 207 18.68 20.13 -7.53
C ALA B 207 20.09 20.61 -7.88
N SER B 208 20.21 21.89 -8.22
CA SER B 208 21.51 22.48 -8.53
C SER B 208 22.47 22.36 -7.34
N VAL B 209 22.00 22.82 -6.18
CA VAL B 209 22.75 22.67 -4.94
C VAL B 209 23.21 21.23 -4.77
N GLY B 210 22.33 20.29 -5.08
CA GLY B 210 22.63 18.88 -4.99
C GLY B 210 23.72 18.45 -5.95
N MET B 211 23.71 19.03 -7.14
CA MET B 211 24.72 18.68 -8.13
C MET B 211 26.08 19.26 -7.78
N HIS B 212 26.09 20.37 -7.04
CA HIS B 212 27.34 20.93 -6.55
C HIS B 212 27.89 20.06 -5.42
N ILE B 213 26.99 19.36 -4.72
CA ILE B 213 27.42 18.39 -3.71
C ILE B 213 28.07 17.18 -4.38
N LEU B 214 27.57 16.83 -5.57
CA LEU B 214 28.02 15.63 -6.27
C LEU B 214 29.09 15.91 -7.34
N SER B 215 29.60 17.15 -7.38
CA SER B 215 30.67 17.50 -8.31
C SER B 215 31.87 18.06 -7.54
N LEU B 216 32.96 17.30 -7.54
CA LEU B 216 34.10 17.57 -6.66
C LEU B 216 34.70 18.98 -6.78
N PRO B 217 34.81 19.52 -8.01
CA PRO B 217 35.33 20.89 -8.10
C PRO B 217 34.50 21.93 -7.34
N SER B 218 33.18 21.72 -7.27
CA SER B 218 32.30 22.64 -6.56
C SER B 218 32.47 22.54 -5.04
N ARG B 219 32.87 21.37 -4.56
CA ARG B 219 32.89 21.10 -3.12
C ARG B 219 33.82 22.01 -2.34
N SER B 220 34.86 22.52 -2.98
CA SER B 220 35.80 23.41 -2.31
C SER B 220 35.27 24.84 -2.22
N LEU B 221 34.03 25.05 -2.64
CA LEU B 221 33.46 26.39 -2.74
C LEU B 221 32.32 26.63 -1.74
N PHE B 222 32.00 25.63 -0.94
CA PHE B 222 30.99 25.79 0.11
C PHE B 222 31.18 24.77 1.21
N HIS B 223 30.42 24.93 2.29
CA HIS B 223 30.61 24.12 3.48
CA HIS B 223 30.61 24.17 3.52
C HIS B 223 29.31 23.50 3.99
N ARG B 224 28.17 24.07 3.58
CA ARG B 224 26.87 23.57 3.98
C ARG B 224 25.85 23.77 2.86
N ALA B 225 24.79 22.96 2.87
CA ALA B 225 23.80 22.99 1.80
C ALA B 225 22.36 22.91 2.31
N VAL B 226 21.45 23.46 1.52
CA VAL B 226 20.03 23.40 1.82
C VAL B 226 19.26 23.14 0.52
N LEU B 227 18.48 22.07 0.50
CA LEU B 227 17.70 21.71 -0.68
C LEU B 227 16.21 21.78 -0.36
N GLN B 228 15.56 22.81 -0.89
CA GLN B 228 14.15 23.02 -0.63
C GLN B 228 13.30 22.53 -1.80
N SER B 229 12.61 21.40 -1.61
CA SER B 229 11.67 20.88 -2.60
C SER B 229 12.33 20.57 -3.95
N GLY B 230 13.50 19.94 -3.92
CA GLY B 230 14.17 19.56 -5.14
C GLY B 230 15.43 18.76 -4.86
N THR B 231 15.80 17.90 -5.81
CA THR B 231 16.93 16.99 -5.64
C THR B 231 17.66 16.75 -6.95
N PRO B 232 18.95 16.37 -6.88
CA PRO B 232 19.68 16.04 -8.10
C PRO B 232 19.24 14.69 -8.66
N ASN B 233 18.94 13.74 -7.79
CA ASN B 233 18.29 12.50 -8.18
C ASN B 233 16.84 12.81 -8.54
N GLY B 234 16.13 11.80 -9.03
CA GLY B 234 14.74 11.95 -9.40
C GLY B 234 14.55 11.96 -10.89
N PRO B 235 13.29 12.01 -11.34
CA PRO B 235 12.95 11.79 -12.74
C PRO B 235 13.14 13.00 -13.66
N TRP B 236 13.41 14.20 -13.12
CA TRP B 236 13.35 15.41 -13.93
C TRP B 236 14.62 16.28 -13.94
N ALA B 237 15.51 16.08 -12.97
CA ALA B 237 16.64 16.96 -12.77
C ALA B 237 17.77 16.73 -13.77
N THR B 238 17.86 15.52 -14.31
CA THR B 238 18.92 15.17 -15.25
C THR B 238 18.42 14.36 -16.43
N VAL B 239 19.21 14.36 -17.50
CA VAL B 239 19.00 13.48 -18.64
C VAL B 239 20.30 12.77 -18.98
N SER B 240 20.19 11.74 -19.82
CA SER B 240 21.36 11.02 -20.27
C SER B 240 22.02 11.77 -21.42
N ALA B 241 23.25 11.39 -21.75
CA ALA B 241 23.95 12.01 -22.88
C ALA B 241 23.20 11.74 -24.18
N GLY B 242 22.71 10.52 -24.32
CA GLY B 242 21.97 10.12 -25.50
C GLY B 242 20.71 10.94 -25.69
N GLU B 243 19.97 11.15 -24.59
CA GLU B 243 18.71 11.88 -24.66
C GLU B 243 18.95 13.38 -24.84
N ALA B 244 20.04 13.87 -24.25
CA ALA B 244 20.42 15.28 -24.42
C ALA B 244 20.76 15.54 -25.88
N ARG B 245 21.54 14.63 -26.46
CA ARG B 245 21.94 14.75 -27.86
C ARG B 245 20.74 14.70 -28.79
N ARG B 246 19.71 13.97 -28.39
CA ARG B 246 18.51 13.81 -29.21
C ARG B 246 17.71 15.10 -29.28
N ARG B 247 17.50 15.74 -28.13
CA ARG B 247 16.67 16.93 -28.04
C ARG B 247 17.32 18.13 -28.72
N ALA B 248 18.64 18.23 -28.60
CA ALA B 248 19.38 19.31 -29.23
C ALA B 248 19.25 19.22 -30.75
N THR B 249 19.48 18.02 -31.28
CA THR B 249 19.39 17.79 -32.72
C THR B 249 17.98 18.01 -33.24
N LEU B 250 16.98 17.74 -32.40
CA LEU B 250 15.59 17.95 -32.80
C LEU B 250 15.25 19.43 -32.81
N LEU B 251 15.71 20.16 -31.79
CA LEU B 251 15.46 21.59 -31.73
C LEU B 251 16.14 22.27 -32.91
N ALA B 252 17.34 21.81 -33.24
CA ALA B 252 18.09 22.31 -34.39
C ALA B 252 17.29 22.12 -35.66
N ARG B 253 16.76 20.92 -35.81
CA ARG B 253 15.90 20.59 -36.95
C ARG B 253 14.69 21.51 -36.98
N LEU B 254 14.12 21.78 -35.81
CA LEU B 254 12.91 22.59 -35.71
C LEU B 254 13.15 24.08 -36.05
N VAL B 255 14.42 24.48 -36.16
CA VAL B 255 14.76 25.86 -36.48
C VAL B 255 15.56 26.00 -37.78
N GLY B 256 15.80 24.88 -38.45
CA GLY B 256 16.40 24.90 -39.79
C GLY B 256 17.87 24.54 -39.84
N CYS B 257 18.32 23.66 -38.95
CA CYS B 257 19.71 23.22 -38.91
C CYS B 257 19.83 21.70 -38.92
N ASN B 265 28.01 16.57 -38.34
CA ASN B 265 29.09 17.31 -37.69
C ASN B 265 28.52 18.22 -36.60
N ASP B 266 28.97 18.03 -35.36
CA ASP B 266 28.50 18.82 -34.24
C ASP B 266 28.83 20.30 -34.40
N THR B 267 30.08 20.58 -34.77
CA THR B 267 30.55 21.96 -34.96
C THR B 267 29.60 22.75 -35.84
N GLU B 268 29.26 22.18 -36.99
CA GLU B 268 28.48 22.87 -38.01
C GLU B 268 27.02 23.04 -37.58
N LEU B 269 26.53 22.12 -36.75
CA LEU B 269 25.14 22.20 -36.29
C LEU B 269 24.99 23.27 -35.22
N ILE B 270 26.00 23.41 -34.36
CA ILE B 270 25.97 24.38 -33.28
C ILE B 270 26.24 25.77 -33.86
N ALA B 271 26.98 25.83 -34.96
CA ALA B 271 27.23 27.09 -35.64
C ALA B 271 25.90 27.74 -36.05
N CYS B 272 25.06 26.96 -36.71
CA CYS B 272 23.77 27.48 -37.20
C CYS B 272 22.90 27.96 -36.05
N LEU B 273 22.94 27.25 -34.92
CA LEU B 273 22.13 27.62 -33.75
C LEU B 273 22.63 28.93 -33.14
N ARG B 274 23.95 29.13 -33.16
CA ARG B 274 24.52 30.37 -32.64
C ARG B 274 24.02 31.59 -33.42
N THR B 275 23.65 31.37 -34.67
CA THR B 275 23.19 32.44 -35.56
C THR B 275 21.67 32.57 -35.58
N ARG B 276 21.04 32.22 -34.45
CA ARG B 276 19.59 32.31 -34.34
C ARG B 276 19.19 33.24 -33.21
N PRO B 277 18.25 34.17 -33.47
CA PRO B 277 17.72 35.00 -32.39
C PRO B 277 17.26 34.17 -31.19
N ALA B 278 17.45 34.71 -30.00
CA ALA B 278 17.19 34.00 -28.76
C ALA B 278 15.78 33.42 -28.71
N GLN B 279 14.81 34.14 -29.29
CA GLN B 279 13.42 33.74 -29.19
C GLN B 279 13.09 32.58 -30.12
N ASP B 280 13.83 32.46 -31.21
CA ASP B 280 13.62 31.36 -32.15
C ASP B 280 13.87 30.02 -31.47
N LEU B 281 14.81 30.00 -30.52
CA LEU B 281 15.11 28.78 -29.77
C LEU B 281 14.02 28.51 -28.74
N VAL B 282 13.67 29.54 -27.98
CA VAL B 282 12.63 29.43 -26.96
C VAL B 282 11.30 29.01 -27.57
N ASP B 283 11.02 29.48 -28.79
CA ASP B 283 9.76 29.18 -29.47
C ASP B 283 9.55 27.68 -29.70
N HIS B 284 10.64 26.93 -29.81
CA HIS B 284 10.59 25.50 -30.07
C HIS B 284 11.10 24.68 -28.88
N GLU B 285 11.33 25.37 -27.77
CA GLU B 285 11.92 24.77 -26.57
C GLU B 285 11.10 23.60 -26.03
N TRP B 286 9.78 23.78 -26.01
CA TRP B 286 8.89 22.83 -25.36
C TRP B 286 8.45 21.68 -26.25
N HIS B 287 8.81 21.74 -27.53
CA HIS B 287 8.32 20.77 -28.50
C HIS B 287 9.32 19.65 -28.76
N VAL B 288 10.22 19.41 -27.81
CA VAL B 288 11.19 18.33 -27.93
C VAL B 288 11.01 17.26 -26.84
N LEU B 289 9.92 17.34 -26.09
CA LEU B 289 9.69 16.38 -25.03
C LEU B 289 9.12 15.07 -25.58
N PRO B 290 9.67 13.91 -25.16
CA PRO B 290 9.30 12.60 -25.72
C PRO B 290 7.86 12.19 -25.42
N GLN B 291 7.31 12.69 -24.32
CA GLN B 291 5.92 12.41 -23.97
C GLN B 291 5.17 13.68 -23.61
N GLU B 292 3.85 13.59 -23.62
CA GLU B 292 3.01 14.57 -22.98
C GLU B 292 3.23 14.42 -21.48
N SER B 293 3.55 15.50 -20.79
CA SER B 293 3.93 15.40 -19.40
C SER B 293 3.90 16.73 -18.64
N ILE B 294 3.88 16.62 -17.32
CA ILE B 294 4.07 17.76 -16.44
C ILE B 294 5.30 17.48 -15.59
N PHE B 295 5.90 18.53 -15.03
CA PHE B 295 7.13 18.40 -14.26
C PHE B 295 8.24 17.80 -15.11
N ARG B 296 8.14 17.96 -16.42
CA ARG B 296 9.21 17.59 -17.34
C ARG B 296 9.71 18.83 -18.08
N PHE B 297 11.02 18.90 -18.24
CA PHE B 297 11.67 20.11 -18.71
C PHE B 297 12.66 19.77 -19.83
N SER B 298 12.53 20.46 -20.95
CA SER B 298 13.22 20.09 -22.18
C SER B 298 14.75 20.10 -22.05
N PHE B 299 15.28 21.11 -21.37
CA PHE B 299 16.73 21.25 -21.24
C PHE B 299 17.15 21.45 -19.79
N VAL B 300 17.92 20.48 -19.31
CA VAL B 300 18.28 20.34 -17.91
C VAL B 300 19.69 19.75 -17.86
N PRO B 301 20.31 19.73 -16.67
CA PRO B 301 21.65 19.14 -16.55
C PRO B 301 21.78 17.77 -17.21
N VAL B 302 22.98 17.43 -17.66
CA VAL B 302 23.23 16.17 -18.36
C VAL B 302 24.32 15.35 -17.68
N VAL B 303 24.15 14.04 -17.67
CA VAL B 303 25.20 13.16 -17.17
C VAL B 303 26.27 13.05 -18.25
N ASP B 304 27.32 13.85 -18.11
CA ASP B 304 28.34 14.00 -19.14
C ASP B 304 29.63 13.28 -18.81
N GLY B 305 29.76 12.80 -17.57
CA GLY B 305 30.98 12.19 -17.10
C GLY B 305 32.01 13.23 -16.70
N ASP B 306 31.64 14.50 -16.79
CA ASP B 306 32.51 15.61 -16.40
C ASP B 306 31.97 16.27 -15.12
N PHE B 307 31.01 17.17 -15.27
CA PHE B 307 30.40 17.83 -14.12
C PHE B 307 29.76 16.78 -13.23
N LEU B 308 29.10 15.82 -13.90
CA LEU B 308 28.51 14.67 -13.23
C LEU B 308 29.18 13.40 -13.75
N SER B 309 30.14 12.91 -12.97
CA SER B 309 30.90 11.73 -13.36
C SER B 309 30.02 10.50 -13.58
N ASP B 310 28.84 10.50 -12.97
CA ASP B 310 27.88 9.43 -13.16
C ASP B 310 26.49 9.99 -12.88
N THR B 311 25.46 9.15 -12.97
CA THR B 311 24.12 9.59 -12.64
C THR B 311 24.06 10.01 -11.18
N PRO B 312 23.17 10.96 -10.84
CA PRO B 312 23.02 11.37 -9.44
C PRO B 312 22.72 10.19 -8.53
N GLU B 313 21.83 9.29 -8.96
CA GLU B 313 21.51 8.11 -8.18
C GLU B 313 22.77 7.32 -7.85
N ALA B 314 23.60 7.08 -8.85
CA ALA B 314 24.85 6.35 -8.66
C ALA B 314 25.76 7.07 -7.68
N LEU B 315 25.87 8.39 -7.82
CA LEU B 315 26.79 9.19 -7.01
C LEU B 315 26.34 9.29 -5.56
N ILE B 316 25.03 9.43 -5.32
CA ILE B 316 24.53 9.53 -3.96
C ILE B 316 24.61 8.17 -3.27
N ASN B 317 24.59 7.11 -4.08
CA ASN B 317 24.63 5.75 -3.54
C ASN B 317 26.03 5.33 -3.10
N THR B 318 27.05 5.94 -3.70
CA THR B 318 28.43 5.52 -3.45
C THR B 318 29.34 6.67 -3.00
N GLY B 319 28.73 7.76 -2.55
CA GLY B 319 29.49 8.94 -2.15
C GLY B 319 29.80 8.96 -0.66
N ASP B 320 30.99 9.46 -0.33
CA ASP B 320 31.37 9.68 1.07
C ASP B 320 31.01 11.10 1.47
N PHE B 321 30.01 11.24 2.33
CA PHE B 321 29.52 12.54 2.76
C PHE B 321 29.84 12.76 4.24
N GLN B 322 31.06 12.41 4.63
CA GLN B 322 31.42 12.34 6.05
C GLN B 322 31.34 13.69 6.76
N ASP B 323 31.87 14.74 6.14
CA ASP B 323 31.91 16.06 6.77
C ASP B 323 30.97 17.03 6.07
N LEU B 324 29.75 16.58 5.82
CA LEU B 324 28.74 17.40 5.15
C LEU B 324 27.52 17.60 6.06
N GLN B 325 26.97 18.81 6.01
CA GLN B 325 25.74 19.13 6.73
C GLN B 325 24.71 19.63 5.73
N VAL B 326 23.50 19.09 5.82
CA VAL B 326 22.47 19.38 4.85
C VAL B 326 21.10 19.58 5.52
N LEU B 327 20.34 20.51 4.98
CA LEU B 327 18.96 20.75 5.43
C LEU B 327 18.03 20.57 4.23
N VAL B 328 17.04 19.69 4.37
CA VAL B 328 16.17 19.34 3.25
C VAL B 328 14.71 19.36 3.68
N GLY B 329 13.82 19.50 2.71
CA GLY B 329 12.41 19.49 3.02
C GLY B 329 11.50 19.71 1.83
N VAL B 330 10.21 19.72 2.13
CA VAL B 330 9.17 19.82 1.10
C VAL B 330 8.02 20.65 1.64
N VAL B 331 7.14 21.10 0.75
CA VAL B 331 5.91 21.74 1.17
C VAL B 331 4.81 20.68 1.20
N LYS B 332 3.68 21.02 1.80
CA LYS B 332 2.62 20.05 2.03
C LYS B 332 2.03 19.52 0.72
N ASP B 333 1.99 20.36 -0.31
CA ASP B 333 1.37 20.00 -1.59
C ASP B 333 2.30 20.25 -2.75
N GLU B 334 3.30 19.39 -2.91
CA GLU B 334 4.33 19.58 -3.93
C GLU B 334 3.79 19.52 -5.36
N GLY B 335 2.68 18.82 -5.57
CA GLY B 335 2.23 18.50 -6.93
C GLY B 335 1.08 19.33 -7.49
N SER B 336 0.34 20.01 -6.63
CA SER B 336 -0.87 20.71 -7.05
C SER B 336 -0.63 21.72 -8.17
N TYR B 337 0.43 22.51 -8.00
CA TYR B 337 0.78 23.58 -8.95
C TYR B 337 0.85 23.07 -10.38
N PHE B 338 1.43 21.88 -10.56
CA PHE B 338 1.72 21.35 -11.89
C PHE B 338 0.51 20.77 -12.60
N LEU B 339 -0.57 20.55 -11.86
CA LEU B 339 -1.75 19.88 -12.42
C LEU B 339 -2.50 20.79 -13.39
N VAL B 340 -2.51 22.09 -13.12
CA VAL B 340 -3.23 23.03 -13.97
C VAL B 340 -2.44 23.38 -15.22
N TYR B 341 -1.28 22.76 -15.39
CA TYR B 341 -0.40 23.03 -16.53
C TYR B 341 -0.29 21.82 -17.47
N GLY B 342 -1.35 21.01 -17.58
CA GLY B 342 -1.33 19.92 -18.52
C GLY B 342 -2.35 18.80 -18.26
N VAL B 343 -2.76 18.63 -17.02
CA VAL B 343 -3.68 17.56 -16.65
C VAL B 343 -5.12 18.00 -16.87
N PRO B 344 -5.83 17.37 -17.83
CA PRO B 344 -7.23 17.77 -18.07
C PRO B 344 -8.10 17.66 -16.82
N GLY B 345 -8.98 18.64 -16.63
CA GLY B 345 -9.88 18.64 -15.50
C GLY B 345 -9.47 19.62 -14.41
N PHE B 346 -8.23 20.09 -14.49
CA PHE B 346 -7.67 20.95 -13.45
C PHE B 346 -7.58 22.40 -13.90
N SER B 347 -7.76 23.30 -12.95
CA SER B 347 -7.80 24.74 -13.22
C SER B 347 -7.78 25.53 -11.91
N LYS B 348 -7.18 26.72 -11.95
CA LYS B 348 -7.11 27.55 -10.75
C LYS B 348 -8.47 28.17 -10.44
N ASP B 349 -9.40 28.06 -11.38
CA ASP B 349 -10.64 28.84 -11.34
C ASP B 349 -11.86 28.03 -10.87
N ASN B 350 -11.72 26.71 -10.82
CA ASN B 350 -12.74 25.86 -10.19
C ASN B 350 -12.07 24.88 -9.22
N GLU B 351 -12.86 24.03 -8.57
CA GLU B 351 -12.33 23.13 -7.55
C GLU B 351 -11.73 21.86 -8.15
N SER B 352 -11.64 21.83 -9.48
CA SER B 352 -10.90 20.79 -10.19
C SER B 352 -11.29 19.38 -9.76
N LEU B 353 -12.56 19.19 -9.41
CA LEU B 353 -13.09 17.89 -9.03
C LEU B 353 -13.13 16.97 -10.25
N ILE B 354 -12.36 15.88 -10.21
CA ILE B 354 -12.18 15.03 -11.38
C ILE B 354 -12.82 13.66 -11.23
N SER B 355 -13.07 13.02 -12.37
CA SER B 355 -13.58 11.65 -12.40
C SER B 355 -12.45 10.68 -12.13
N ARG B 356 -12.80 9.41 -11.94
CA ARG B 356 -11.78 8.38 -11.79
C ARG B 356 -11.09 8.17 -13.13
N ALA B 357 -11.81 8.40 -14.22
CA ALA B 357 -11.26 8.23 -15.55
C ALA B 357 -10.17 9.26 -15.84
N GLN B 358 -10.47 10.52 -15.51
CA GLN B 358 -9.50 11.60 -15.65
C GLN B 358 -8.26 11.32 -14.82
N PHE B 359 -8.45 10.66 -13.68
CA PHE B 359 -7.37 10.33 -12.78
C PHE B 359 -6.39 9.35 -13.44
N LEU B 360 -6.92 8.33 -14.12
CA LEU B 360 -6.07 7.35 -14.77
C LEU B 360 -5.29 8.01 -15.91
N ALA B 361 -5.94 8.94 -16.59
CA ALA B 361 -5.33 9.64 -17.71
C ALA B 361 -4.19 10.55 -17.24
N GLY B 362 -4.45 11.27 -16.14
CA GLY B 362 -3.48 12.18 -15.59
C GLY B 362 -2.21 11.49 -15.12
N VAL B 363 -2.35 10.23 -14.70
CA VAL B 363 -1.22 9.46 -14.20
C VAL B 363 -0.26 9.14 -15.34
N ARG B 364 -0.79 8.94 -16.54
CA ARG B 364 0.07 8.70 -17.70
C ARG B 364 0.83 9.98 -18.05
N ILE B 365 0.27 11.12 -17.62
CA ILE B 365 0.90 12.42 -17.84
C ILE B 365 1.87 12.75 -16.71
N GLY B 366 1.48 12.40 -15.48
CA GLY B 366 2.30 12.67 -14.32
C GLY B 366 3.48 11.71 -14.25
N VAL B 367 3.31 10.55 -14.85
CA VAL B 367 4.35 9.53 -14.90
C VAL B 367 4.51 9.04 -16.34
N PRO B 368 5.01 9.92 -17.22
CA PRO B 368 5.14 9.63 -18.65
C PRO B 368 5.99 8.40 -18.95
N GLN B 369 6.77 7.96 -17.98
CA GLN B 369 7.67 6.82 -18.17
C GLN B 369 6.93 5.50 -17.99
N ALA B 370 5.84 5.52 -17.23
CA ALA B 370 5.21 4.30 -16.74
C ALA B 370 4.58 3.43 -17.83
N SER B 371 4.84 2.13 -17.72
CA SER B 371 4.13 1.15 -18.52
C SER B 371 2.70 1.06 -18.02
N ASP B 372 1.84 0.38 -18.78
CA ASP B 372 0.44 0.27 -18.43
C ASP B 372 0.27 -0.38 -17.06
N LEU B 373 1.05 -1.43 -16.81
CA LEU B 373 1.01 -2.11 -15.53
C LEU B 373 1.46 -1.18 -14.41
N ALA B 374 2.55 -0.47 -14.67
CA ALA B 374 3.13 0.45 -13.69
C ALA B 374 2.16 1.59 -13.37
N ALA B 375 1.49 2.09 -14.39
CA ALA B 375 0.53 3.17 -14.21
C ALA B 375 -0.62 2.70 -13.34
N GLU B 376 -1.12 1.50 -13.63
CA GLU B 376 -2.23 0.93 -12.89
C GLU B 376 -1.82 0.69 -11.43
N ALA B 377 -0.58 0.26 -11.22
CA ALA B 377 -0.04 0.08 -9.89
C ALA B 377 -0.10 1.39 -9.08
N VAL B 378 0.13 2.50 -9.76
CA VAL B 378 0.05 3.82 -9.12
C VAL B 378 -1.40 4.14 -8.77
N VAL B 379 -2.30 3.94 -9.72
CA VAL B 379 -3.72 4.20 -9.51
C VAL B 379 -4.26 3.39 -8.32
N LEU B 380 -3.92 2.10 -8.30
CA LEU B 380 -4.43 1.21 -7.26
C LEU B 380 -3.83 1.56 -5.89
N HIS B 381 -2.64 2.11 -5.89
CA HIS B 381 -1.97 2.49 -4.64
C HIS B 381 -2.56 3.77 -4.05
N TYR B 382 -2.95 4.70 -4.92
CA TYR B 382 -3.44 6.01 -4.49
C TYR B 382 -4.96 6.09 -4.37
N THR B 383 -5.65 5.05 -4.82
CA THR B 383 -7.10 5.00 -4.70
C THR B 383 -7.52 4.83 -3.24
N ASP B 384 -8.54 5.58 -2.84
CA ASP B 384 -9.20 5.39 -1.55
C ASP B 384 -10.36 4.43 -1.75
N TRP B 385 -10.09 3.14 -1.53
CA TRP B 385 -11.07 2.10 -1.87
C TRP B 385 -12.34 2.16 -1.03
N LEU B 386 -12.32 3.02 0.00
CA LEU B 386 -13.53 3.32 0.75
C LEU B 386 -14.38 4.36 0.02
N HIS B 387 -13.72 5.21 -0.77
CA HIS B 387 -14.37 6.25 -1.56
C HIS B 387 -13.71 6.38 -2.93
N PRO B 388 -13.69 5.27 -3.70
CA PRO B 388 -12.88 5.18 -4.92
C PRO B 388 -13.32 6.11 -6.05
N GLU B 389 -14.55 6.60 -5.94
CA GLU B 389 -15.12 7.46 -6.98
C GLU B 389 -15.18 8.92 -6.55
N ASP B 390 -14.90 9.20 -5.28
CA ASP B 390 -15.03 10.55 -4.76
C ASP B 390 -14.10 11.51 -5.51
N PRO B 391 -14.67 12.48 -6.24
CA PRO B 391 -13.81 13.39 -7.02
C PRO B 391 -12.81 14.18 -6.18
N THR B 392 -13.16 14.52 -4.94
CA THR B 392 -12.24 15.24 -4.06
C THR B 392 -10.98 14.42 -3.80
N HIS B 393 -11.15 13.13 -3.49
CA HIS B 393 -10.02 12.26 -3.22
C HIS B 393 -9.16 12.06 -4.46
N LEU B 394 -9.82 11.85 -5.59
CA LEU B 394 -9.11 11.64 -6.85
C LEU B 394 -8.26 12.85 -7.22
N ARG B 395 -8.84 14.04 -7.06
CA ARG B 395 -8.13 15.28 -7.32
C ARG B 395 -6.95 15.44 -6.36
N ASP B 396 -7.21 15.29 -5.07
CA ASP B 396 -6.16 15.38 -4.07
C ASP B 396 -5.11 14.30 -4.27
N ALA B 397 -5.52 13.18 -4.85
CA ALA B 397 -4.61 12.06 -5.08
C ALA B 397 -3.73 12.32 -6.30
N MET B 398 -4.31 12.94 -7.33
CA MET B 398 -3.57 13.27 -8.53
C MET B 398 -2.41 14.20 -8.17
N SER B 399 -2.67 15.15 -7.27
CA SER B 399 -1.66 16.06 -6.76
C SER B 399 -0.53 15.31 -6.06
N ALA B 400 -0.91 14.31 -5.28
CA ALA B 400 0.06 13.55 -4.50
C ALA B 400 0.96 12.70 -5.39
N VAL B 401 0.38 12.06 -6.40
CA VAL B 401 1.15 11.26 -7.36
C VAL B 401 2.28 12.09 -7.92
N VAL B 402 1.95 13.30 -8.35
CA VAL B 402 2.92 14.19 -8.96
C VAL B 402 3.92 14.65 -7.91
N GLY B 403 3.41 15.12 -6.77
CA GLY B 403 4.26 15.62 -5.70
C GLY B 403 5.24 14.59 -5.19
N ASP B 404 4.77 13.36 -4.99
CA ASP B 404 5.59 12.30 -4.42
C ASP B 404 6.59 11.74 -5.42
N HIS B 405 6.13 11.51 -6.64
CA HIS B 405 6.98 11.02 -7.71
C HIS B 405 8.15 11.97 -8.01
N ASN B 406 7.86 13.28 -7.99
CA ASN B 406 8.81 14.27 -8.49
C ASN B 406 9.65 14.94 -7.40
N VAL B 407 9.16 14.98 -6.16
CA VAL B 407 9.85 15.71 -5.11
C VAL B 407 10.00 14.91 -3.80
N VAL B 408 8.88 14.61 -3.14
CA VAL B 408 8.91 14.07 -1.79
C VAL B 408 9.78 12.82 -1.65
N CYS B 409 9.62 11.87 -2.55
CA CYS B 409 10.33 10.60 -2.45
C CYS B 409 11.76 10.68 -3.01
N PRO B 410 11.96 11.49 -4.06
CA PRO B 410 13.35 11.82 -4.39
C PRO B 410 14.08 12.46 -3.20
N VAL B 411 13.39 13.36 -2.49
CA VAL B 411 13.97 13.99 -1.31
C VAL B 411 14.20 12.97 -0.20
N ALA B 412 13.20 12.11 0.03
CA ALA B 412 13.31 11.11 1.07
C ALA B 412 14.47 10.15 0.80
N GLN B 413 14.59 9.73 -0.47
CA GLN B 413 15.70 8.87 -0.87
C GLN B 413 17.05 9.53 -0.61
N LEU B 414 17.21 10.77 -1.08
CA LEU B 414 18.47 11.49 -0.89
C LEU B 414 18.82 11.62 0.59
N ALA B 415 17.85 12.09 1.38
CA ALA B 415 18.05 12.27 2.82
C ALA B 415 18.51 10.96 3.46
N GLY B 416 17.94 9.85 3.00
CA GLY B 416 18.30 8.54 3.52
C GLY B 416 19.73 8.17 3.19
N ARG B 417 20.12 8.35 1.92
CA ARG B 417 21.47 8.01 1.47
C ARG B 417 22.53 8.88 2.15
N LEU B 418 22.24 10.18 2.27
CA LEU B 418 23.20 11.10 2.87
C LEU B 418 23.41 10.78 4.35
N ALA B 419 22.31 10.64 5.09
CA ALA B 419 22.38 10.30 6.51
C ALA B 419 23.15 9.01 6.74
N ALA B 420 22.89 8.03 5.89
CA ALA B 420 23.50 6.71 6.01
C ALA B 420 25.01 6.73 5.75
N GLN B 421 25.46 7.66 4.92
CA GLN B 421 26.85 7.68 4.48
C GLN B 421 27.63 8.85 5.10
N GLY B 422 27.30 9.18 6.34
CA GLY B 422 28.13 10.05 7.15
C GLY B 422 27.71 11.51 7.24
N ALA B 423 26.71 11.91 6.45
CA ALA B 423 26.28 13.30 6.41
C ALA B 423 25.37 13.64 7.58
N ARG B 424 25.41 14.90 8.00
CA ARG B 424 24.48 15.42 8.99
C ARG B 424 23.26 15.97 8.27
N VAL B 425 22.09 15.47 8.63
CA VAL B 425 20.86 15.79 7.90
C VAL B 425 19.76 16.27 8.82
N TYR B 426 19.14 17.39 8.46
CA TYR B 426 17.94 17.86 9.11
C TYR B 426 16.83 17.96 8.06
N ALA B 427 15.65 17.46 8.41
CA ALA B 427 14.54 17.39 7.46
C ALA B 427 13.31 18.12 8.01
N TYR B 428 12.55 18.74 7.10
CA TYR B 428 11.35 19.49 7.48
C TYR B 428 10.21 19.24 6.49
N ILE B 429 9.00 19.52 6.93
CA ILE B 429 7.87 19.67 6.03
C ILE B 429 7.19 21.00 6.32
N PHE B 430 6.88 21.75 5.27
CA PHE B 430 6.33 23.09 5.39
C PHE B 430 4.82 23.03 5.12
N GLU B 431 4.02 23.39 6.13
CA GLU B 431 2.57 23.12 6.08
C GLU B 431 1.69 24.36 6.26
N HIS B 432 2.31 25.54 6.27
CA HIS B 432 1.55 26.78 6.35
C HIS B 432 1.29 27.39 4.98
N ARG B 433 0.03 27.74 4.73
CA ARG B 433 -0.38 28.42 3.51
C ARG B 433 -0.45 29.92 3.76
N ALA B 434 0.29 30.69 2.95
CA ALA B 434 0.30 32.14 3.11
C ALA B 434 -1.11 32.71 2.98
N SER B 435 -1.45 33.61 3.90
CA SER B 435 -2.74 34.29 3.87
C SER B 435 -2.87 35.15 2.62
N THR B 436 -1.73 35.54 2.05
CA THR B 436 -1.72 36.40 0.88
C THR B 436 -1.81 35.61 -0.42
N LEU B 437 -1.89 34.29 -0.32
CA LEU B 437 -1.85 33.44 -1.50
C LEU B 437 -3.07 33.64 -2.40
N THR B 438 -2.85 33.63 -3.71
CA THR B 438 -3.91 33.90 -4.69
C THR B 438 -4.37 32.66 -5.45
N TRP B 439 -3.63 31.56 -5.32
CA TRP B 439 -4.04 30.29 -5.91
C TRP B 439 -5.21 29.73 -5.12
N PRO B 440 -6.03 28.87 -5.74
CA PRO B 440 -7.22 28.37 -5.03
C PRO B 440 -6.89 27.49 -3.83
N LEU B 441 -7.87 27.25 -2.99
CA LEU B 441 -7.65 26.55 -1.73
C LEU B 441 -7.32 25.06 -1.92
N TRP B 442 -7.78 24.47 -3.01
CA TRP B 442 -7.60 23.04 -3.21
C TRP B 442 -6.14 22.68 -3.47
N MET B 443 -5.35 23.67 -3.91
CA MET B 443 -3.93 23.48 -4.14
C MET B 443 -3.16 23.42 -2.83
N GLY B 444 -3.77 23.92 -1.77
CA GLY B 444 -3.18 23.86 -0.44
C GLY B 444 -1.94 24.72 -0.29
N VAL B 445 -0.80 24.09 -0.08
CA VAL B 445 0.49 24.77 0.04
C VAL B 445 1.34 24.42 -1.17
N PRO B 446 1.26 25.21 -2.25
CA PRO B 446 1.89 24.76 -3.48
C PRO B 446 3.42 24.91 -3.50
N HIS B 447 4.01 24.19 -4.43
CA HIS B 447 5.44 24.25 -4.73
C HIS B 447 5.92 25.70 -4.84
N GLY B 448 6.85 26.08 -3.96
CA GLY B 448 7.49 27.37 -4.03
C GLY B 448 7.13 28.37 -2.96
N TYR B 449 6.04 28.12 -2.24
CA TYR B 449 5.48 29.14 -1.34
C TYR B 449 5.93 29.02 0.12
N GLU B 450 7.08 28.37 0.33
CA GLU B 450 7.81 28.48 1.58
C GLU B 450 8.82 29.62 1.48
N ILE B 451 9.22 29.94 0.25
CA ILE B 451 10.31 30.85 -0.02
C ILE B 451 10.10 32.23 0.60
N GLU B 452 8.94 32.84 0.35
CA GLU B 452 8.64 34.17 0.85
C GLU B 452 8.78 34.27 2.37
N PHE B 453 8.61 33.14 3.06
CA PHE B 453 8.74 33.11 4.52
C PHE B 453 10.19 32.98 4.97
N ILE B 454 10.97 32.18 4.24
CA ILE B 454 12.39 32.02 4.55
C ILE B 454 13.14 33.33 4.33
N PHE B 455 12.78 34.04 3.27
CA PHE B 455 13.42 35.31 2.95
C PHE B 455 12.85 36.45 3.79
N GLY B 456 11.79 36.15 4.54
CA GLY B 456 11.28 37.07 5.54
C GLY B 456 10.46 38.23 5.04
N LEU B 457 9.76 38.05 3.92
CA LEU B 457 8.94 39.11 3.35
C LEU B 457 7.82 39.57 4.28
N PRO B 458 7.24 38.66 5.07
CA PRO B 458 6.20 39.09 6.02
C PRO B 458 6.62 40.21 6.98
N LEU B 459 7.92 40.42 7.14
CA LEU B 459 8.40 41.50 7.99
C LEU B 459 8.15 42.87 7.34
N ASP B 460 7.74 42.85 6.08
CA ASP B 460 7.37 44.07 5.36
C ASP B 460 5.88 44.34 5.58
N PRO B 461 5.54 45.33 6.43
CA PRO B 461 4.14 45.50 6.82
C PRO B 461 3.22 45.85 5.66
N SER B 462 3.80 46.34 4.56
CA SER B 462 3.03 46.78 3.41
C SER B 462 2.45 45.60 2.62
N LEU B 463 3.05 44.42 2.80
CA LEU B 463 2.63 43.24 2.04
C LEU B 463 1.39 42.58 2.64
N ASN B 464 0.85 43.19 3.69
CA ASN B 464 -0.40 42.74 4.31
C ASN B 464 -0.35 41.27 4.74
N TYR B 465 0.75 40.88 5.37
CA TYR B 465 0.86 39.57 6.00
C TYR B 465 0.30 39.65 7.40
N THR B 466 -0.27 38.54 7.89
CA THR B 466 -0.82 38.51 9.25
C THR B 466 0.33 38.63 10.25
N THR B 467 0.02 39.17 11.42
CA THR B 467 1.04 39.40 12.43
C THR B 467 1.65 38.10 12.94
N GLU B 468 0.92 37.00 12.80
CA GLU B 468 1.42 35.69 13.22
C GLU B 468 2.45 35.17 12.22
N GLU B 469 2.23 35.49 10.94
CA GLU B 469 3.13 35.06 9.88
C GLU B 469 4.49 35.74 10.00
N ARG B 470 4.47 36.99 10.46
CA ARG B 470 5.69 37.75 10.68
C ARG B 470 6.52 37.08 11.77
N ILE B 471 5.82 36.57 12.79
CA ILE B 471 6.47 35.85 13.89
C ILE B 471 6.99 34.50 13.39
N PHE B 472 6.24 33.89 12.48
CA PHE B 472 6.63 32.62 11.87
C PHE B 472 7.85 32.80 10.98
N ALA B 473 7.83 33.84 10.15
CA ALA B 473 8.93 34.12 9.25
C ALA B 473 10.24 34.33 10.01
N GLN B 474 10.15 34.97 11.17
CA GLN B 474 11.35 35.23 11.97
C GLN B 474 11.93 33.93 12.52
N ARG B 475 11.08 32.97 12.82
CA ARG B 475 11.53 31.66 13.29
C ARG B 475 12.32 30.96 12.19
N LEU B 476 11.76 30.95 10.99
CA LEU B 476 12.38 30.25 9.88
C LEU B 476 13.71 30.88 9.48
N MET B 477 13.76 32.21 9.46
CA MET B 477 15.00 32.93 9.21
C MET B 477 16.05 32.55 10.23
N LYS B 478 15.61 32.32 11.46
CA LYS B 478 16.49 31.89 12.53
C LYS B 478 17.03 30.49 12.28
N TYR B 479 16.14 29.57 11.90
CA TYR B 479 16.53 28.19 11.61
C TYR B 479 17.60 28.15 10.52
N TRP B 480 17.28 28.79 9.39
CA TRP B 480 18.17 28.80 8.23
C TRP B 480 19.53 29.41 8.56
N THR B 481 19.54 30.57 9.21
CA THR B 481 20.79 31.26 9.50
C THR B 481 21.56 30.57 10.62
N ASN B 482 20.85 29.96 11.58
CA ASN B 482 21.52 29.18 12.60
C ASN B 482 22.19 27.97 11.97
N PHE B 483 21.51 27.37 11.00
CA PHE B 483 22.08 26.26 10.25
C PHE B 483 23.29 26.75 9.45
N ALA B 484 23.20 27.97 8.93
CA ALA B 484 24.31 28.54 8.17
C ALA B 484 25.52 28.77 9.07
N ARG B 485 25.28 29.34 10.25
CA ARG B 485 26.35 29.62 11.21
C ARG B 485 27.02 28.36 11.74
N THR B 486 26.25 27.29 11.92
CA THR B 486 26.68 26.16 12.74
C THR B 486 26.40 24.78 12.14
N GLY B 487 25.53 24.70 11.15
CA GLY B 487 25.12 23.42 10.59
C GLY B 487 24.07 22.76 11.48
N ASP B 488 23.39 23.58 12.28
CA ASP B 488 22.37 23.12 13.20
C ASP B 488 21.32 24.22 13.35
N PRO B 489 20.09 23.97 12.89
CA PRO B 489 19.09 25.04 12.89
C PRO B 489 18.60 25.39 14.30
N ASN B 490 18.96 24.59 15.29
CA ASN B 490 18.53 24.83 16.65
C ASN B 490 19.25 26.01 17.29
N ASP B 491 18.49 26.84 17.98
CA ASP B 491 19.05 27.93 18.77
C ASP B 491 20.06 27.40 19.78
N PRO B 492 21.26 28.03 19.85
CA PRO B 492 22.18 27.63 20.92
C PRO B 492 21.88 28.37 22.24
N ARG B 493 20.68 28.96 22.33
CA ARG B 493 20.28 29.73 23.51
C ARG B 493 18.92 29.26 24.03
N ASP B 494 18.14 28.60 23.18
CA ASP B 494 16.79 28.20 23.54
C ASP B 494 16.76 26.79 24.16
N SER B 495 15.81 26.58 25.08
CA SER B 495 15.63 25.30 25.77
C SER B 495 14.43 24.52 25.21
N LYS B 496 13.40 24.32 26.04
CA LYS B 496 12.20 23.60 25.60
C LYS B 496 11.64 24.24 24.34
N SER B 497 11.07 23.42 23.46
CA SER B 497 10.60 23.90 22.15
C SER B 497 9.69 22.90 21.44
N PRO B 498 10.13 21.65 21.22
CA PRO B 498 11.41 21.00 21.52
C PRO B 498 12.43 21.13 20.39
N GLN B 499 13.56 20.45 20.53
CA GLN B 499 14.66 20.57 19.59
C GLN B 499 14.38 19.88 18.26
N TRP B 500 14.97 20.44 17.20
CA TRP B 500 14.92 19.86 15.86
C TRP B 500 15.98 18.76 15.76
N PRO B 501 15.56 17.48 15.70
CA PRO B 501 16.56 16.42 15.72
C PRO B 501 17.07 16.05 14.33
N PRO B 502 18.31 15.53 14.24
CA PRO B 502 18.84 15.09 12.94
C PRO B 502 18.04 13.97 12.32
N TYR B 503 17.89 13.99 11.00
CA TYR B 503 17.27 12.88 10.28
C TYR B 503 18.27 11.73 10.17
N THR B 504 17.80 10.53 10.50
CA THR B 504 18.61 9.32 10.45
C THR B 504 17.82 8.22 9.77
N THR B 505 18.50 7.20 9.26
CA THR B 505 17.82 6.12 8.58
C THR B 505 17.01 5.26 9.56
N ALA B 506 17.43 5.26 10.81
CA ALA B 506 16.76 4.47 11.85
C ALA B 506 15.48 5.14 12.33
N ALA B 507 15.63 6.32 12.93
CA ALA B 507 14.51 7.03 13.53
C ALA B 507 13.71 7.83 12.50
N GLN B 508 14.38 8.25 11.43
CA GLN B 508 13.73 8.95 10.33
C GLN B 508 12.93 10.16 10.78
N GLN B 509 13.42 10.87 11.77
CA GLN B 509 12.64 11.96 12.35
C GLN B 509 12.81 13.26 11.55
N TYR B 510 11.70 13.94 11.36
CA TYR B 510 11.68 15.25 10.71
C TYR B 510 10.73 16.15 11.49
N VAL B 511 10.68 17.43 11.16
CA VAL B 511 9.80 18.36 11.86
C VAL B 511 8.80 19.00 10.91
N SER B 512 7.76 19.57 11.50
CA SER B 512 6.75 20.30 10.75
C SER B 512 6.93 21.79 10.97
N LEU B 513 6.97 22.55 9.87
CA LEU B 513 7.09 23.99 9.94
C LEU B 513 5.74 24.64 9.64
N ASN B 514 5.14 25.20 10.68
CA ASN B 514 3.88 25.92 10.55
C ASN B 514 3.73 26.90 11.70
N LEU B 515 2.51 27.41 11.88
CA LEU B 515 2.24 28.43 12.90
C LEU B 515 2.43 27.89 14.31
N LYS B 516 2.28 26.57 14.46
CA LYS B 516 2.40 25.92 15.75
C LYS B 516 3.86 25.53 15.99
N PRO B 517 4.26 25.36 17.27
CA PRO B 517 5.64 25.02 17.62
C PRO B 517 6.16 23.78 16.88
N LEU B 518 7.49 23.64 16.79
CA LEU B 518 8.10 22.46 16.19
C LEU B 518 7.47 21.19 16.73
N GLU B 519 7.16 20.27 15.84
CA GLU B 519 6.66 18.96 16.22
C GLU B 519 7.44 17.92 15.45
N VAL B 520 8.00 16.96 16.18
CA VAL B 520 8.79 15.91 15.57
C VAL B 520 7.91 14.75 15.13
N ARG B 521 8.03 14.38 13.86
CA ARG B 521 7.33 13.23 13.31
C ARG B 521 8.38 12.23 12.82
N ARG B 522 7.93 11.04 12.44
CA ARG B 522 8.84 9.99 12.00
C ARG B 522 8.39 9.37 10.68
N GLY B 523 9.33 9.16 9.78
CA GLY B 523 9.04 8.59 8.48
C GLY B 523 8.39 9.60 7.54
N LEU B 524 9.08 9.94 6.46
CA LEU B 524 8.56 10.88 5.48
C LEU B 524 7.88 10.11 4.34
N ARG B 525 6.55 10.02 4.43
CA ARG B 525 5.73 9.20 3.53
C ARG B 525 6.43 7.90 3.17
N ALA B 526 6.79 7.15 4.22
CA ALA B 526 7.70 6.02 4.10
C ALA B 526 7.16 4.87 3.26
N GLN B 527 5.92 4.46 3.50
CA GLN B 527 5.35 3.34 2.75
C GLN B 527 5.10 3.74 1.30
N THR B 528 4.65 4.97 1.07
CA THR B 528 4.42 5.46 -0.28
C THR B 528 5.74 5.64 -1.02
N CYS B 529 6.80 6.04 -0.31
CA CYS B 529 8.09 6.22 -0.94
C CYS B 529 8.80 4.88 -1.12
N ALA B 530 8.45 3.91 -0.29
CA ALA B 530 8.90 2.55 -0.51
C ALA B 530 8.38 2.07 -1.86
N PHE B 531 7.14 2.44 -2.18
CA PHE B 531 6.53 2.07 -3.44
C PHE B 531 7.26 2.70 -4.62
N TRP B 532 7.52 3.99 -4.54
CA TRP B 532 8.18 4.71 -5.63
C TRP B 532 9.65 4.35 -5.76
N ASN B 533 10.34 4.24 -4.63
CA ASN B 533 11.80 4.10 -4.64
C ASN B 533 12.30 2.65 -4.68
N ARG B 534 11.46 1.69 -4.27
CA ARG B 534 11.89 0.29 -4.22
C ARG B 534 11.16 -0.60 -5.22
N PHE B 535 9.85 -0.42 -5.36
CA PHE B 535 9.06 -1.37 -6.14
C PHE B 535 8.98 -1.03 -7.64
N LEU B 536 8.49 0.16 -7.97
CA LEU B 536 8.27 0.53 -9.37
C LEU B 536 9.51 0.41 -10.24
N PRO B 537 10.70 0.74 -9.69
CA PRO B 537 11.93 0.49 -10.46
C PRO B 537 12.09 -0.98 -10.83
N LYS B 538 11.73 -1.88 -9.92
CA LYS B 538 11.77 -3.31 -10.20
C LYS B 538 10.77 -3.68 -11.29
N LEU B 539 9.77 -2.82 -11.47
CA LEU B 539 8.67 -3.08 -12.38
C LEU B 539 9.01 -2.68 -13.81
N LEU B 540 9.93 -1.74 -13.95
CA LEU B 540 10.45 -1.34 -15.26
C LEU B 540 11.90 -1.83 -15.41
N SER B 541 12.32 -2.69 -14.49
CA SER B 541 13.59 -3.41 -14.58
C SER B 541 13.29 -4.89 -14.86
N ALA B 542 12.02 -5.18 -15.14
CA ALA B 542 11.58 -6.50 -15.55
C ALA B 542 10.56 -6.34 -16.68
N THR B 543 9.51 -5.56 -16.40
CA THR B 543 8.50 -5.20 -17.38
C THR B 543 7.85 -6.48 -17.95
O01 SOF C . 0.20 -29.18 7.15
C02 SOF C . -1.07 -29.19 7.85
C03 SOF C . -1.81 -27.81 8.02
O04 SOF C . -1.61 -26.96 7.12
N05 SOF C . -2.69 -27.49 9.07
C06 SOF C . -3.03 -28.43 10.19
C07 SOF C . -4.14 -28.06 11.20
C08 SOF C . -4.32 -26.57 11.53
N09 SOF C . -5.78 -26.12 11.57
C10 SOF C . -6.48 -26.10 10.26
C11 SOF C . -8.02 -26.32 10.21
N12 SOF C . -8.72 -26.62 11.53
C13 SOF C . -7.99 -26.59 12.78
C14 SOF C . -6.52 -26.83 12.65
C15 SOF C . -10.00 -25.86 11.70
C16 SOF C . -11.09 -26.80 11.21
C17 SOF C . -3.52 -25.66 10.58
C18 SOF C . -3.35 -26.19 9.16
C19 SOF C . 0.97 -30.35 7.06
C20 SOF C . 2.17 -30.38 6.31
C21 SOF C . 2.99 -31.56 6.20
C22 SOF C . 2.65 -32.76 6.84
C23 SOF C . 1.46 -32.72 7.59
C24 SOF C . 0.63 -31.55 7.71
C25 SOF C . 3.52 -33.99 6.73
C26 SOF C . 3.17 -35.10 5.95
C27 SOF C . 3.99 -36.26 5.86
C28 SOF C . 5.19 -36.31 6.58
C29 SOF C . 5.58 -35.21 7.37
C30 SOF C . 4.74 -34.07 7.45
H021 SOF C . -0.96 -29.59 8.89
H022 SOF C . -1.73 -29.91 7.36
H061 SOF C . -3.35 -29.42 9.77
H062 SOF C . -2.13 -28.73 10.75
H181 SOF C . -2.85 -25.41 8.56
H182 SOF C . -4.36 -26.21 8.69
H071 SOF C . -3.98 -28.55 12.16
H072 SOF C . -5.14 -28.53 10.92
H08 SOF C . -3.94 -26.38 12.57
H171 SOF C . -4.02 -24.64 10.57
H172 SOF C . -2.58 -25.42 11.05
H101 SOF C . -6.17 -25.13 9.92
H102 SOF C . -5.96 -26.83 9.64
H141 SOF C . -5.97 -26.48 13.51
H142 SOF C . -6.31 -27.89 12.53
H111 SOF C . -8.51 -25.41 9.88
H112 SOF C . -8.30 -27.10 9.45
H131 SOF C . -8.45 -27.30 13.51
H132 SOF C . -8.18 -25.59 13.20
HA1 SOF C . -10.00 -24.93 11.11
HB2 SOF C . -10.19 -25.58 12.76
H161 SOF C . -11.32 -27.53 11.99
H162 SOF C . -11.98 -26.22 10.96
H163 SOF C . -10.77 -27.33 10.33
H20 SOF C . 2.47 -29.48 5.80
H24 SOF C . -0.28 -31.60 8.31
H21 SOF C . 3.92 -31.51 5.59
H23 SOF C . 1.16 -33.64 8.12
H26 SOF C . 2.23 -35.08 5.38
H30 SOF C . 5.10 -33.26 8.08
H27 SOF C . 3.70 -37.11 5.25
H28 SOF C . 5.87 -37.17 6.55
H29 SOF C . 6.52 -35.26 7.93
C5 PG0 D . -14.91 -23.59 -18.54
O2 PG0 D . -15.14 -24.81 -17.93
C4 PG0 D . -14.12 -25.74 -17.87
C3 PG0 D . -14.68 -27.07 -17.44
O1 PG0 D . -13.74 -28.04 -17.76
C2 PG0 D . -14.12 -29.33 -18.01
C1 PG0 D . -13.21 -29.89 -19.06
OTT PG0 D . -13.75 -31.07 -19.54
H51 PG0 D . -14.20 -23.12 -18.07
H52 PG0 D . -14.64 -23.73 -19.46
H53 PG0 D . -15.72 -23.05 -18.51
H41 PG0 D . -13.72 -25.84 -18.75
H42 PG0 D . -13.45 -25.46 -17.23
H31 PG0 D . -15.49 -27.25 -17.94
H32 PG0 D . -14.86 -27.07 -16.50
H21 PG0 D . -14.07 -29.86 -17.21
H22 PG0 D . -15.03 -29.33 -18.35
H11 PG0 D . -12.34 -30.07 -18.67
H12 PG0 D . -13.13 -29.26 -19.79
HTT PG0 D . -13.88 -31.00 -20.41
C5 PG0 E . 1.95 -11.13 22.81
O2 PG0 E . 0.72 -10.83 22.25
C4 PG0 E . 0.67 -10.28 20.99
C3 PG0 E . -0.69 -10.44 20.37
O1 PG0 E . -0.59 -10.09 19.05
C2 PG0 E . -1.66 -10.22 18.18
C1 PG0 E . -1.20 -9.80 16.83
OTT PG0 E . -2.26 -9.70 15.97
H51 PG0 E . 1.81 -11.51 23.70
H52 PG0 E . 2.41 -11.78 22.25
H53 PG0 E . 2.47 -10.32 22.89
H41 PG0 E . 0.88 -9.34 21.04
H42 PG0 E . 1.32 -10.72 20.42
H31 PG0 E . -1.33 -9.87 20.82
H32 PG0 E . -0.97 -11.37 20.44
H21 PG0 E . -1.96 -11.14 18.16
H22 PG0 E . -2.38 -9.65 18.48
H11 PG0 E . -0.56 -10.45 16.49
H12 PG0 E . -0.76 -8.94 16.90
HTT PG0 E . -2.13 -9.05 15.39
O01 SOF F . 4.54 23.60 -18.39
C02 SOF F . 5.22 24.43 -17.39
C03 SOF F . 5.19 23.93 -15.89
O04 SOF F . 5.21 22.69 -15.71
N05 SOF F . 5.15 24.78 -14.76
C06 SOF F . 5.15 26.27 -14.85
C07 SOF F . 5.12 27.17 -13.58
C08 SOF F . 4.69 26.52 -12.25
N09 SOF F . 5.71 26.70 -11.12
C10 SOF F . 7.00 25.96 -11.27
C11 SOF F . 8.29 26.54 -10.63
N12 SOF F . 8.16 27.85 -9.85
C13 SOF F . 6.84 28.43 -9.65
C14 SOF F . 5.91 28.13 -10.78
C15 SOF F . 8.84 27.80 -8.52
C16 SOF F . 10.25 28.29 -8.78
C17 SOF F . 4.31 25.05 -12.40
C18 SOF F . 5.14 24.25 -13.40
C19 SOF F . 4.38 24.10 -19.71
C20 SOF F . 3.87 23.26 -20.75
C21 SOF F . 3.69 23.75 -22.10
C22 SOF F . 4.00 25.07 -22.47
C23 SOF F . 4.49 25.88 -21.41
C24 SOF F . 4.68 25.42 -20.08
C25 SOF F . 3.79 25.58 -23.89
C26 SOF F . 4.86 25.80 -24.79
C27 SOF F . 4.66 26.28 -26.10
C28 SOF F . 3.36 26.56 -26.56
C29 SOF F . 2.28 26.35 -25.68
C30 SOF F . 2.50 25.88 -24.37
H021 SOF F . 4.79 25.47 -17.37
H022 SOF F . 6.25 24.57 -17.71
H061 SOF F . 6.06 26.61 -15.39
H062 SOF F . 4.36 26.62 -15.53
H181 SOF F . 4.81 23.20 -13.36
H182 SOF F . 6.16 24.17 -12.98
H071 SOF F . 4.46 28.02 -13.73
H072 SOF F . 6.10 27.73 -13.45
H08 SOF F . 3.78 27.06 -11.88
H171 SOF F . 4.37 24.58 -11.38
H172 SOF F . 3.25 24.99 -12.59
H101 SOF F . 6.69 25.01 -10.84
H102 SOF F . 7.11 25.79 -12.35
H141 SOF F . 4.89 28.41 -10.55
H142 SOF F . 6.20 28.65 -11.68
H111 SOF F . 8.67 25.84 -9.88
H112 SOF F . 9.11 26.63 -11.38
H131 SOF F . 6.93 29.52 -9.47
H132 SOF F . 6.48 28.00 -8.71
HA1 SOF F . 8.86 26.78 -8.11
HB2 SOF F . 8.34 28.45 -7.78
H161 SOF F . 10.26 29.38 -8.86
H162 SOF F . 10.91 27.96 -7.98
H163 SOF F . 10.62 27.89 -9.72
H20 SOF F . 3.64 22.25 -20.52
H24 SOF F . 5.06 26.11 -19.33
H21 SOF F . 3.30 23.05 -22.86
H23 SOF F . 4.74 26.93 -21.67
H26 SOF F . 5.88 25.58 -24.46
H30 SOF F . 1.61 25.74 -23.76
H27 SOF F . 5.51 26.44 -26.79
H28 SOF F . 3.16 26.93 -27.56
H29 SOF F . 1.26 26.57 -26.04
C5 PG0 G . -2.32 6.07 -0.72
O2 PG0 G . -3.48 5.56 -0.19
C4 PG0 G . -4.51 6.43 0.14
C3 PG0 G . -5.47 5.74 1.04
O1 PG0 G . -6.17 6.71 1.72
C2 PG0 G . -6.69 6.44 2.97
C1 PG0 G . -7.12 7.71 3.62
OTT PG0 G . -7.54 7.44 4.90
H51 PG0 G . -1.69 5.34 -0.89
H52 PG0 G . -2.50 6.53 -1.55
H53 PG0 G . -1.92 6.69 -0.08
H41 PG0 G . -4.14 7.19 0.59
H42 PG0 G . -4.97 6.72 -0.67
H31 PG0 G . -4.98 5.20 1.68
H32 PG0 G . -6.08 5.17 0.53
H21 PG0 G . -7.45 5.84 2.89
H22 PG0 G . -6.01 6.02 3.51
H11 PG0 G . -7.85 8.11 3.11
H12 PG0 G . -6.38 8.33 3.65
HTT PG0 G . -6.95 6.91 5.31
C5 PG0 H . -2.01 17.85 1.99
O2 PG0 H . -3.25 17.88 1.40
C4 PG0 H . -3.94 19.07 1.27
C3 PG0 H . -5.26 18.88 0.60
O1 PG0 H . -5.81 20.13 0.43
C2 PG0 H . -7.15 20.34 0.63
C1 PG0 H . -7.34 21.77 1.02
OTT PG0 H . -8.63 21.95 1.50
H51 PG0 H . -2.07 18.18 2.90
H52 PG0 H . -1.68 16.94 2.00
H53 PG0 H . -1.40 18.41 1.48
H41 PG0 H . -4.08 19.45 2.17
H42 PG0 H . -3.40 19.69 0.75
H31 PG0 H . -5.83 18.35 1.17
H32 PG0 H . -5.15 18.44 -0.25
H21 PG0 H . -7.64 20.14 -0.17
H22 PG0 H . -7.46 19.77 1.36
H11 PG0 H . -7.20 22.33 0.24
H12 PG0 H . -6.70 22.01 1.70
HTT PG0 H . -8.70 21.58 2.30
C5 PG0 I . 28.63 6.29 -16.34
O2 PG0 I . 28.90 7.56 -16.81
C4 PG0 I . 28.62 7.88 -18.13
C3 PG0 I . 29.23 9.18 -18.51
O1 PG0 I . 29.28 9.22 -19.89
C2 PG0 I . 30.45 9.62 -20.51
C1 PG0 I . 30.48 9.05 -21.90
OTT PG0 I . 31.79 8.89 -22.30
H51 PG0 I . 27.68 6.12 -16.41
H52 PG0 I . 29.12 5.64 -16.86
H53 PG0 I . 28.89 6.23 -15.41
H41 PG0 I . 28.98 7.18 -18.69
H42 PG0 I . 27.66 7.92 -18.25
H31 PG0 I . 30.13 9.22 -18.15
H32 PG0 I . 28.70 9.92 -18.17
H21 PG0 I . 30.51 10.58 -20.54
H22 PG0 I . 31.21 9.25 -20.01
H11 PG0 I . 30.01 8.21 -21.91
H12 PG0 I . 30.03 9.68 -22.49
HTT PG0 I . 32.23 8.44 -21.67
O1 PE4 J . -0.90 5.16 1.76
C1 PE4 J . -0.13 4.00 1.66
C2 PE4 J . -0.90 2.97 0.92
O2 PE4 J . -0.19 1.77 0.88
C3 PE4 J . -0.08 0.97 2.00
C4 PE4 J . 1.03 -0.02 1.82
O3 PE4 J . 1.84 0.34 0.77
C5 PE4 J . 3.14 -0.12 0.74
C6 PE4 J . 3.53 -0.43 -0.66
O4 PE4 J . 4.88 -0.66 -0.70
C7 PE4 J . 5.44 -1.54 -1.61
C8 PE4 J . 4.82 -1.47 -2.97
O5 PE4 J . 3.97 -2.53 -3.13
C9 PE4 J . 3.37 -2.76 -4.35
C10 PE4 J . 1.97 -2.29 -4.21
O6 PE4 J . 1.32 -2.32 -5.43
C11 PE4 J . 0.20 -1.54 -5.57
C12 PE4 J . -1.00 -2.33 -5.16
O7 PE4 J . -2.03 -1.45 -4.91
C13 PE4 J . -2.75 -1.57 -3.73
C14 PE4 J . -1.97 -0.83 -2.68
O8 PE4 J . -2.75 -0.52 -1.60
C15 PE4 J . -2.25 0.38 -0.67
HO1 PE4 J . -1.74 4.96 1.59
H11 PE4 J . 0.08 3.68 2.56
H12 PE4 J . 0.69 4.21 1.20
H21 PE4 J . -1.04 3.27 0.00
H22 PE4 J . -1.75 2.82 1.34
H31 PE4 J . 0.11 1.52 2.78
H32 PE4 J . -0.91 0.49 2.13
H41 PE4 J . 0.66 -0.91 1.66
H42 PE4 J . 1.56 -0.04 2.64
H51 PE4 J . 3.19 -0.94 1.26
H52 PE4 J . 3.73 0.55 1.12
H61 PE4 J . 3.05 -1.23 -0.95
H62 PE4 J . 3.29 0.31 -1.25
H71 PE4 J . 5.35 -2.44 -1.26
H72 PE4 J . 6.40 -1.34 -1.70
H81 PE4 J . 5.52 -1.48 -3.64
H82 PE4 J . 4.32 -0.64 -3.04
H91 PE4 J . 3.39 -3.70 -4.58
H92 PE4 J . 3.83 -2.24 -5.03
H101 PE4 J . 1.97 -1.37 -3.89
H102 PE4 J . 1.50 -2.85 -3.58
H111 PE4 J . 0.28 -0.77 -4.98
H112 PE4 J . 0.11 -1.23 -6.50
H121 PE4 J . -0.78 -2.81 -4.34
H122 PE4 J . -1.25 -2.96 -5.85
H131 PE4 J . -3.63 -1.18 -3.83
H132 PE4 J . -2.82 -2.50 -3.47
H141 PE4 J . -1.22 -1.38 -2.38
H142 PE4 J . -1.62 -0.01 -3.07
H151 PE4 J . -1.99 1.21 -1.11
H152 PE4 J . -2.94 0.57 0.00
#